data_9F34
#
_entry.id   9F34
#
_cell.length_a   1.00
_cell.length_b   1.00
_cell.length_c   1.00
_cell.angle_alpha   90.00
_cell.angle_beta   90.00
_cell.angle_gamma   90.00
#
_symmetry.space_group_name_H-M   'P 1'
#
loop_
_entity.id
_entity.type
_entity.pdbx_description
1 polymer 'Guanine nucleotide-binding protein G(o) subunit alpha'
2 polymer 'Guanine nucleotide-binding protein G(I)/G(S)/G(T) subunit beta-1'
3 polymer 'Guanine nucleotide-binding protein G(I)/G(S)/G(O) subunit gamma-2'
4 polymer 'Antibody scFv16'
5 polymer 'Green fluorescent protein,D(3) dopamine receptor'
6 non-polymer N-[2-[(1R,2S)-2-[[(2S,5S)-2-(6-azanylpyridin-3-yl)-5-methyl-morpholin-4-yl]methyl]cyclopropyl]ethyl]-1H-indole-2-carboxamide
#
loop_
_entity_poly.entity_id
_entity_poly.type
_entity_poly.pdbx_seq_one_letter_code
_entity_poly.pdbx_strand_id
1 'polypeptide(L)'
;MGCTLSAEERAALERSKAIEKNLKEDGISAAKDVKLLLLGAGESGKNTIVKQMKIIHEDGFSGEDVKQYKPVVYSNTIQS
LAAIVRAMDTLGIEYGDKERKADAKMVCDVVSRMEDTEPFSAELLSAMMRLWGDSGIQECFNRSREYQLNDSAKYYLDSL
DRIGAADYQPTEQDILRTRVKTTGIVETHFTFKNLHFRLFDVGAQRSERKKWIHCFEDVTAIIFCVALSGYDQVLHEDET
TNRMHASLKLFDSICNNKFFIDTSIILFLNKKDLFGEKIKKSPLTICFPEYTGPNTYEDAAAYIQAQFESKNRSPNKEIY
CHMTCSTDTNNIQVVFDAVTDIIIANNLRGCGLY
;
A
2 'polypeptide(L)'
;MHHHHHHHHENLYFQGSELDQLRQEAEQLKNQIRDARKACADATLSQITNNIDPVGRIQMRTRRTLRGHLAKIYAMHWGT
DSRLLVSASQDGKLIIWDSYTTNKVHAIPLRSSWVMTCAYAPSGNYVACGGLDNICSIYNLKTREGNVRVSRELAGHTGY
LSCCRFLDDNQIVTSSGDTTCALWDIETGQQTTTFTGHTGDVMSLSLAPDTRLFVSGACDASAKLWDVREGMCRQTFTGH
ESDINAICFFPNGNAFATGSDDATCRLFDLRADQELMTYSHDNIICGITSVSFSKSGRLLLAGYDDFNCNVWDALKADRA
GVLAGHDNRVSCLGVTDDGMAVATGSWDSFLKIWN
;
B
3 'polypeptide(L)' MASNNTASIAQARKLVEQLKMEANIDRIKVSKAAADLMAYCEAHAKEDPLLTPVPASENPFREKKFFSAIL C
4 'polypeptide(L)'
;MDVQLVESGGGLVQPGGSRKLSCSASGFAFSSFGMHWVRQAPEKGLEWVAYISSGSGTIYYADTVKGRFTISRDDPKNTL
FLQMTSLRSEDTAMYYCVRSIYYYGSSPFDFWGQGTTLTVSSGGGGSGGGGSGGGGSDIVMTQATSSVPVTPGESVSISC
RSSKSLLHSNGNTYLYWFLQRPGQSPQLLIYRMSNLASGVPDRFSGSGSGTAFTLTISRLEAEDVGVYYCMQHLEYPLTF
GAGTKLELKGSLEVLFQGP
;
E
5 'polypeptide(L)'
;MKTIIALSYIFCLVFADYKDDDDKVSKGEELFTGVVPILVELDGDVNGHKFSVSGEGEGDATYGKLTLKFICTTGKLPVP
WPTLVTTLTYGVQCFSRYPDHMKQHDFFKSAMPEGYVQERTIFFKDDGNYKTRAEVKFEGDTLVNRIELKGIDFKEDGNI
LGHKLEYNYNSHNVYIMADKQKNGIKVNFKIRHNIEDGSVQLADHYQQNTPIGDGPVLLPDNHYLSTQSALSKDPNEKRD
HMVLLEFVTAAGITLGMDELYKLEVLFQGPASLSQLSSHLNYTCGAENSTGASQARPHAYYALSYCALILAIVFGNGLVC
MAVLKERALQTTTNYLVVSLAVADLLVATLVMPWVVYLEVTGGVWNFSRICCDVFVTLDVMMCTASIWNLCAISIDRYTA
VVMPVHYQHGTGQSSCRRVALMITAVWVLAFAVSCPLLFGFNTTGDPTVCSISNPDFVIYSSVVSFYLPFGVTVLVYARI
YVVLKQRRRKRILTRQNSQCNSVRPGFPQQTLSPDPAHLELKRYYSICQDTALGGPGFQERGGELKREEKTRNSLSPTIA
PKLSLEVRKLSNGRLSTSLKLGPLQPRGVPLREKKATQMVAIVLGAFIVCWLPFFLTHVLNTHCQTCHVSPELYSATTWL
GYVNSALNPVIYTTFNIEFRKAFLKILSC
;
R
#
loop_
_chem_comp.id
_chem_comp.type
_chem_comp.name
_chem_comp.formula
A1H9N non-polymer N-[2-[(1R,2S)-2-[[(2S,5S)-2-(6-azanylpyridin-3-yl)-5-methyl-morpholin-4-yl]methyl]cyclopropyl]ethyl]-1H-indole-2-carboxamide 'C25 H31 N5 O2'
#
# COMPACT_ATOMS: atom_id res chain seq x y z
N THR A 4 3.49 13.75 -26.73
CA THR A 4 3.02 13.74 -25.37
C THR A 4 4.20 13.88 -24.38
N LEU A 5 4.69 12.74 -23.86
CA LEU A 5 5.82 12.70 -22.93
C LEU A 5 7.15 12.78 -23.67
N SER A 6 8.13 13.48 -23.09
CA SER A 6 9.49 13.62 -23.64
C SER A 6 10.28 12.32 -23.41
N ALA A 7 11.52 12.30 -23.95
CA ALA A 7 12.39 11.12 -23.88
C ALA A 7 12.67 10.69 -22.42
N GLU A 8 12.91 11.67 -21.55
CA GLU A 8 13.21 11.44 -20.13
C GLU A 8 11.96 11.05 -19.35
N GLU A 9 10.83 11.67 -19.65
CA GLU A 9 9.53 11.33 -19.05
C GLU A 9 9.10 9.90 -19.40
N ARG A 10 9.37 9.48 -20.65
CA ARG A 10 9.07 8.11 -21.07
CA ARG A 10 9.07 8.11 -21.07
C ARG A 10 10.00 7.10 -20.40
N ALA A 11 11.27 7.45 -20.28
CA ALA A 11 12.26 6.60 -19.59
C ALA A 11 11.98 6.48 -18.09
N ALA A 12 11.48 7.56 -17.50
CA ALA A 12 11.06 7.59 -16.09
C ALA A 12 9.79 6.75 -15.86
N LEU A 13 8.87 6.79 -16.83
CA LEU A 13 7.67 5.94 -16.80
C LEU A 13 8.00 4.46 -16.93
N GLU A 14 8.94 4.12 -17.81
CA GLU A 14 9.44 2.75 -17.98
C GLU A 14 10.08 2.23 -16.69
N ARG A 15 10.85 3.10 -16.01
CA ARG A 15 11.44 2.75 -14.71
C ARG A 15 10.38 2.50 -13.64
N SER A 16 9.33 3.34 -13.64
CA SER A 16 8.20 3.17 -12.72
C SER A 16 7.46 1.84 -12.97
N LYS A 17 7.28 1.49 -14.24
CA LYS A 17 6.64 0.22 -14.63
C LYS A 17 7.48 -0.99 -14.20
N ALA A 18 8.79 -0.86 -14.33
CA ALA A 18 9.74 -1.91 -13.89
C ALA A 18 9.71 -2.10 -12.36
N ILE A 19 9.62 -0.99 -11.63
CA ILE A 19 9.49 -1.01 -10.17
C ILE A 19 8.15 -1.64 -9.75
N GLU A 20 7.06 -1.23 -10.42
CA GLU A 20 5.72 -1.78 -10.16
C GLU A 20 5.69 -3.31 -10.36
N LYS A 21 6.32 -3.77 -11.44
CA LYS A 21 6.45 -5.22 -11.71
C LYS A 21 7.22 -5.93 -10.60
N ASN A 22 8.33 -5.33 -10.16
CA ASN A 22 9.16 -5.90 -9.08
C ASN A 22 8.38 -5.98 -7.75
N LEU A 23 7.65 -4.91 -7.43
CA LEU A 23 6.81 -4.84 -6.23
C LEU A 23 5.71 -5.90 -6.25
N LYS A 24 5.07 -6.09 -7.40
CA LYS A 24 4.03 -7.12 -7.57
C LYS A 24 4.59 -8.52 -7.42
N GLU A 25 5.73 -8.79 -8.05
CA GLU A 25 6.43 -10.08 -7.95
C GLU A 25 6.81 -10.41 -6.51
N ASP A 26 7.36 -9.41 -5.80
CA ASP A 26 7.71 -9.55 -4.37
C ASP A 26 6.46 -9.74 -3.52
N GLY A 27 5.36 -9.10 -3.93
CA GLY A 27 4.08 -9.29 -3.24
C GLY A 27 3.51 -10.70 -3.39
N ILE A 28 3.56 -11.24 -4.61
CA ILE A 28 3.09 -12.60 -4.91
C ILE A 28 3.95 -13.63 -4.17
N SER A 29 5.26 -13.38 -4.08
CA SER A 29 6.19 -14.28 -3.39
C SER A 29 5.97 -14.30 -1.87
N ALA A 30 5.64 -13.14 -1.30
CA ALA A 30 5.43 -12.98 0.15
C ALA A 30 4.00 -13.26 0.61
N ALA A 31 3.06 -13.31 -0.32
CA ALA A 31 1.65 -13.54 -0.02
C ALA A 31 1.38 -14.98 0.42
N LYS A 32 2.17 -15.94 -0.08
CA LYS A 32 2.03 -17.36 0.24
C LYS A 32 2.60 -17.73 1.61
N ASP A 33 3.39 -16.84 2.20
CA ASP A 33 3.97 -17.03 3.54
C ASP A 33 2.90 -16.93 4.62
N VAL A 34 2.97 -17.84 5.62
CA VAL A 34 2.06 -17.83 6.78
C VAL A 34 2.73 -17.04 7.91
N LYS A 35 2.02 -16.08 8.49
CA LYS A 35 2.53 -15.17 9.54
C LYS A 35 1.88 -15.52 10.88
N LEU A 36 2.69 -15.86 11.88
CA LEU A 36 2.30 -16.25 13.22
C LEU A 36 2.91 -15.29 14.24
N LEU A 37 2.09 -14.89 15.25
CA LEU A 37 2.53 -13.99 16.33
C LEU A 37 2.70 -14.80 17.64
N LEU A 38 3.95 -15.12 17.99
CA LEU A 38 4.26 -15.78 19.27
C LEU A 38 4.17 -14.75 20.39
N LEU A 39 3.30 -14.99 21.38
CA LEU A 39 2.95 -14.03 22.44
C LEU A 39 2.78 -14.75 23.78
N GLY A 40 3.88 -14.89 24.53
CA GLY A 40 3.85 -15.47 25.86
C GLY A 40 4.01 -14.41 26.94
N ALA A 41 4.28 -14.86 28.19
CA ALA A 41 4.42 -13.99 29.38
C ALA A 41 5.64 -14.43 30.22
N GLY A 42 6.81 -13.88 29.90
CA GLY A 42 8.04 -14.14 30.62
C GLY A 42 8.59 -15.54 30.43
N GLU A 43 8.52 -16.35 31.48
CA GLU A 43 8.95 -17.76 31.49
C GLU A 43 7.81 -18.71 31.18
N SER A 44 7.09 -18.44 30.11
CA SER A 44 5.96 -19.23 29.62
C SER A 44 6.37 -20.36 28.70
N GLY A 45 7.64 -20.42 28.34
CA GLY A 45 8.21 -21.41 27.45
C GLY A 45 8.29 -20.95 26.01
N LYS A 46 8.55 -19.65 25.81
CA LYS A 46 8.74 -19.06 24.48
C LYS A 46 10.08 -19.48 23.86
N ASN A 47 11.13 -19.53 24.69
CA ASN A 47 12.48 -19.92 24.27
C ASN A 47 12.57 -21.41 23.93
N THR A 48 11.77 -22.23 24.63
CA THR A 48 11.71 -23.67 24.37
C THR A 48 10.99 -24.00 23.06
N ILE A 49 9.83 -23.37 22.84
CA ILE A 49 8.99 -23.65 21.65
C ILE A 49 9.66 -23.09 20.38
N VAL A 50 10.23 -21.88 20.45
CA VAL A 50 10.93 -21.28 19.30
C VAL A 50 12.17 -22.11 18.94
N LYS A 51 12.83 -22.69 19.97
CA LYS A 51 13.92 -23.64 19.73
C LYS A 51 13.45 -24.95 19.08
N GLN A 52 12.22 -25.37 19.42
CA GLN A 52 11.59 -26.54 18.80
C GLN A 52 11.28 -26.33 17.32
N MET A 53 10.69 -25.17 16.99
CA MET A 53 10.37 -24.83 15.61
C MET A 53 11.62 -24.80 14.73
N LYS A 54 12.70 -24.24 15.25
CA LYS A 54 13.99 -24.14 14.59
C LYS A 54 15.06 -24.94 15.32
N THR A 182 20.27 -6.66 19.07
CA THR A 182 20.16 -6.76 20.50
C THR A 182 18.69 -6.70 20.96
N THR A 183 18.01 -5.59 20.66
CA THR A 183 16.62 -5.33 21.01
C THR A 183 15.74 -5.41 19.75
N GLY A 184 14.42 -5.13 19.91
CA GLY A 184 13.42 -5.28 18.85
C GLY A 184 12.81 -6.68 18.82
N ILE A 185 11.83 -6.90 17.93
CA ILE A 185 11.21 -8.21 17.74
C ILE A 185 12.18 -9.16 17.03
N VAL A 186 12.03 -10.47 17.24
CA VAL A 186 12.94 -11.50 16.70
C VAL A 186 12.17 -12.31 15.62
N GLU A 187 12.64 -12.21 14.37
CA GLU A 187 12.09 -12.94 13.22
C GLU A 187 12.62 -14.38 13.21
N THR A 188 11.72 -15.37 13.24
CA THR A 188 12.04 -16.80 13.12
C THR A 188 11.18 -17.41 12.01
N HIS A 189 11.76 -17.63 10.84
CA HIS A 189 11.10 -18.22 9.67
C HIS A 189 11.60 -19.66 9.46
N PHE A 190 10.65 -20.59 9.31
CA PHE A 190 10.90 -22.02 9.10
C PHE A 190 9.88 -22.60 8.11
N THR A 191 10.32 -23.54 7.25
CA THR A 191 9.49 -24.22 6.26
C THR A 191 9.14 -25.64 6.76
N PHE A 192 7.89 -26.06 6.52
CA PHE A 192 7.37 -27.38 6.93
C PHE A 192 6.20 -27.77 6.03
N LYS A 193 6.43 -28.75 5.15
CA LYS A 193 5.41 -29.34 4.27
C LYS A 193 4.76 -28.30 3.34
N ASN A 194 5.61 -27.67 2.52
CA ASN A 194 5.20 -26.70 1.49
C ASN A 194 4.46 -25.49 2.07
N LEU A 195 4.92 -25.03 3.24
CA LEU A 195 4.43 -23.84 3.93
C LEU A 195 5.58 -23.14 4.65
N HIS A 196 5.79 -21.84 4.37
CA HIS A 196 6.86 -21.00 4.95
C HIS A 196 6.27 -20.16 6.11
N PHE A 197 6.38 -20.69 7.33
CA PHE A 197 5.89 -20.04 8.55
C PHE A 197 6.88 -18.95 9.02
N ARG A 198 6.35 -17.76 9.35
CA ARG A 198 7.10 -16.61 9.87
C ARG A 198 6.58 -16.32 11.29
N LEU A 199 7.44 -16.54 12.29
CA LEU A 199 7.13 -16.44 13.71
C LEU A 199 7.75 -15.17 14.30
N PHE A 200 6.88 -14.24 14.75
CA PHE A 200 7.30 -12.94 15.32
C PHE A 200 7.30 -13.03 16.85
N ASP A 201 8.52 -12.94 17.47
CA ASP A 201 8.70 -13.05 18.93
C ASP A 201 9.01 -11.65 19.50
N VAL A 202 7.97 -10.96 19.94
CA VAL A 202 8.04 -9.64 20.59
C VAL A 202 8.37 -9.86 22.07
N GLY A 203 9.63 -9.61 22.43
CA GLY A 203 10.14 -9.81 23.78
C GLY A 203 11.04 -8.69 24.31
N ALA A 204 11.16 -7.62 23.54
CA ALA A 204 11.95 -6.43 23.86
C ALA A 204 11.12 -5.20 24.19
N GLN A 205 9.97 -5.03 23.55
CA GLN A 205 9.04 -3.93 23.77
C GLN A 205 8.30 -4.14 25.09
N ARG A 206 8.81 -3.51 26.15
CA ARG A 206 8.21 -3.52 27.49
C ARG A 206 7.17 -2.43 27.68
N SER A 207 6.94 -1.60 26.67
CA SER A 207 5.95 -0.56 26.63
C SER A 207 4.54 -1.14 26.54
N GLU A 208 3.53 -0.28 26.61
CA GLU A 208 2.12 -0.68 26.48
C GLU A 208 1.87 -1.36 25.13
N ARG A 209 1.15 -2.49 25.17
CA ARG A 209 0.95 -3.34 23.99
C ARG A 209 0.14 -2.64 22.90
N LYS A 210 -0.98 -2.02 23.29
CA LYS A 210 -2.01 -1.51 22.36
C LYS A 210 -1.44 -0.60 21.27
N LYS A 211 -0.27 0.01 21.51
CA LYS A 211 0.37 0.93 20.58
C LYS A 211 1.14 0.24 19.46
N TRP A 212 1.37 -1.08 19.54
CA TRP A 212 1.98 -1.87 18.48
C TRP A 212 1.22 -3.18 18.16
N ILE A 213 0.09 -3.42 18.82
CA ILE A 213 -0.77 -4.57 18.52
C ILE A 213 -1.40 -4.44 17.12
N HIS A 214 -1.69 -3.21 16.70
CA HIS A 214 -2.31 -2.91 15.41
C HIS A 214 -1.35 -3.13 14.24
N CYS A 215 -0.08 -3.48 14.53
CA CYS A 215 0.85 -3.83 13.46
C CYS A 215 0.55 -5.21 12.87
N PHE A 216 -0.09 -6.08 13.67
CA PHE A 216 -0.31 -7.49 13.33
C PHE A 216 -1.78 -7.78 13.00
N GLU A 217 -2.40 -6.89 12.21
CA GLU A 217 -3.81 -7.05 11.80
C GLU A 217 -4.03 -8.33 11.00
N ASP A 218 -3.14 -8.58 10.03
CA ASP A 218 -3.25 -9.68 9.08
C ASP A 218 -2.34 -10.88 9.45
N VAL A 219 -2.09 -11.08 10.75
CA VAL A 219 -1.48 -12.29 11.26
C VAL A 219 -2.47 -13.44 11.18
N THR A 220 -1.99 -14.61 10.72
CA THR A 220 -2.85 -15.78 10.49
C THR A 220 -3.41 -16.35 11.80
N ALA A 221 -2.55 -16.54 12.80
CA ALA A 221 -2.86 -17.08 14.11
C ALA A 221 -1.91 -16.50 15.18
N ILE A 222 -2.39 -16.49 16.44
CA ILE A 222 -1.64 -16.02 17.61
C ILE A 222 -1.25 -17.25 18.46
N ILE A 223 0.04 -17.55 18.52
CA ILE A 223 0.59 -18.67 19.32
C ILE A 223 0.83 -18.14 20.74
N PHE A 224 -0.04 -18.50 21.68
CA PHE A 224 0.02 -18.10 23.09
C PHE A 224 0.61 -19.26 23.92
N CYS A 225 1.67 -18.97 24.68
CA CYS A 225 2.35 -19.91 25.56
C CYS A 225 1.99 -19.64 27.03
N VAL A 226 1.73 -20.70 27.79
CA VAL A 226 1.37 -20.65 29.21
C VAL A 226 2.14 -21.74 29.96
N ALA A 227 2.76 -21.38 31.09
CA ALA A 227 3.49 -22.30 31.99
C ALA A 227 2.52 -22.90 32.99
N LEU A 228 2.16 -24.18 32.76
CA LEU A 228 1.24 -24.91 33.64
C LEU A 228 1.82 -25.10 35.04
N SER A 229 3.11 -25.36 35.12
CA SER A 229 3.82 -25.54 36.39
C SER A 229 3.78 -24.29 37.26
N GLY A 230 3.70 -23.12 36.64
CA GLY A 230 3.58 -21.85 37.31
C GLY A 230 2.16 -21.44 37.63
N TYR A 231 1.43 -22.35 38.29
CA TYR A 231 0.08 -22.10 38.80
C TYR A 231 0.09 -21.60 40.24
N ASP A 232 0.94 -22.17 41.08
CA ASP A 232 1.09 -21.80 42.49
C ASP A 232 2.27 -20.86 42.75
N GLN A 233 3.45 -21.18 42.23
CA GLN A 233 4.65 -20.37 42.40
C GLN A 233 4.54 -19.06 41.61
N VAL A 234 5.01 -17.98 42.21
CA VAL A 234 4.96 -16.62 41.65
C VAL A 234 6.26 -15.87 41.88
N ASN A 242 -0.16 -13.67 41.49
CA ASN A 242 0.01 -15.01 40.95
C ASN A 242 0.37 -14.95 39.45
N ARG A 243 1.25 -15.87 39.02
CA ARG A 243 1.74 -15.90 37.64
C ARG A 243 0.68 -16.36 36.65
N MET A 244 -0.12 -17.36 37.05
CA MET A 244 -1.22 -17.87 36.23
C MET A 244 -2.32 -16.82 36.06
N HIS A 245 -2.65 -16.11 37.15
CA HIS A 245 -3.61 -15.01 37.09
C HIS A 245 -3.17 -13.93 36.11
N ALA A 246 -1.89 -13.58 36.13
CA ALA A 246 -1.30 -12.62 35.19
C ALA A 246 -1.36 -13.13 33.76
N SER A 247 -1.20 -14.45 33.58
CA SER A 247 -1.33 -15.08 32.25
C SER A 247 -2.78 -15.07 31.74
N LEU A 248 -3.73 -15.32 32.64
CA LEU A 248 -5.17 -15.24 32.34
C LEU A 248 -5.59 -13.81 31.99
N LYS A 249 -5.05 -12.83 32.72
CA LYS A 249 -5.33 -11.41 32.49
C LYS A 249 -4.78 -10.93 31.14
N LEU A 250 -3.58 -11.39 30.79
CA LEU A 250 -2.99 -11.10 29.48
C LEU A 250 -3.81 -11.71 28.34
N PHE A 251 -4.15 -13.01 28.48
CA PHE A 251 -4.97 -13.71 27.49
C PHE A 251 -6.34 -13.05 27.31
N ASP A 252 -6.94 -12.63 28.42
CA ASP A 252 -8.22 -11.89 28.41
C ASP A 252 -8.10 -10.61 27.60
N SER A 253 -7.00 -9.88 27.81
CA SER A 253 -6.75 -8.61 27.10
C SER A 253 -6.51 -8.81 25.60
N ILE A 254 -5.73 -9.83 25.24
CA ILE A 254 -5.37 -10.11 23.84
C ILE A 254 -6.56 -10.69 23.06
N CYS A 255 -7.26 -11.65 23.66
CA CYS A 255 -8.39 -12.36 23.03
C CYS A 255 -9.58 -11.43 22.77
N ASN A 256 -9.77 -10.42 23.61
CA ASN A 256 -10.84 -9.44 23.51
C ASN A 256 -10.39 -8.09 22.92
N ASN A 257 -9.20 -8.05 22.34
CA ASN A 257 -8.71 -6.86 21.65
C ASN A 257 -9.49 -6.66 20.34
N LYS A 258 -9.83 -5.40 20.05
CA LYS A 258 -10.68 -5.06 18.91
C LYS A 258 -10.00 -5.32 17.57
N PHE A 259 -8.67 -5.37 17.56
CA PHE A 259 -7.89 -5.71 16.37
C PHE A 259 -7.85 -7.22 16.12
N PHE A 260 -7.74 -8.02 17.18
CA PHE A 260 -7.76 -9.49 17.15
C PHE A 260 -9.17 -9.99 17.44
N ILE A 261 -10.02 -9.96 16.40
CA ILE A 261 -11.40 -10.47 16.44
C ILE A 261 -11.55 -11.74 15.57
N ASP A 262 -11.21 -11.63 14.30
CA ASP A 262 -11.17 -12.77 13.35
C ASP A 262 -9.75 -13.33 13.20
N THR A 263 -9.18 -13.75 14.35
CA THR A 263 -7.85 -14.38 14.44
C THR A 263 -7.88 -15.48 15.50
N SER A 264 -7.75 -16.74 15.08
CA SER A 264 -7.71 -17.90 15.96
C SER A 264 -6.42 -17.94 16.78
N ILE A 265 -6.47 -18.56 17.96
CA ILE A 265 -5.37 -18.63 18.93
C ILE A 265 -4.92 -20.09 19.10
N ILE A 266 -3.67 -20.35 18.79
CA ILE A 266 -3.04 -21.72 18.95
C ILE A 266 -2.39 -21.71 20.37
N LEU A 267 -3.21 -21.95 21.35
CA LEU A 267 -2.77 -21.93 22.76
C LEU A 267 -1.91 -23.15 23.10
N PHE A 268 -0.73 -22.92 23.68
CA PHE A 268 0.21 -23.95 24.11
C PHE A 268 0.40 -23.89 25.63
N LEU A 269 0.05 -24.98 26.31
CA LEU A 269 0.16 -25.12 27.78
C LEU A 269 1.43 -25.92 28.10
N ASN A 270 2.58 -25.25 28.03
CA ASN A 270 3.91 -25.84 28.17
C ASN A 270 4.21 -26.21 29.63
N LYS A 271 5.28 -26.98 29.82
CA LYS A 271 5.75 -27.41 31.15
C LYS A 271 4.69 -28.21 31.92
N LYS A 272 4.09 -29.19 31.24
CA LYS A 272 3.11 -30.10 31.84
C LYS A 272 3.78 -31.26 32.58
N ASP A 273 5.03 -31.58 32.18
CA ASP A 273 5.81 -32.62 32.86
C ASP A 273 6.11 -32.23 34.31
N LEU A 274 6.50 -30.98 34.53
CA LEU A 274 6.70 -30.45 35.89
C LEU A 274 5.38 -30.40 36.68
N PHE A 275 4.31 -29.92 36.01
CA PHE A 275 2.95 -29.90 36.58
C PHE A 275 2.50 -31.30 37.01
N GLY A 276 3.05 -32.31 36.34
CA GLY A 276 2.75 -33.70 36.68
C GLY A 276 2.99 -34.07 38.14
N GLU A 277 4.09 -33.61 38.72
CA GLU A 277 4.43 -33.82 40.14
C GLU A 277 4.04 -32.65 41.05
N LYS A 278 3.94 -31.45 40.46
CA LYS A 278 3.52 -30.26 41.21
C LYS A 278 2.08 -30.38 41.72
N ILE A 279 1.19 -30.98 40.92
CA ILE A 279 -0.21 -31.18 41.29
C ILE A 279 -0.35 -32.21 42.41
N LYS A 280 0.56 -33.19 42.47
CA LYS A 280 0.57 -34.26 43.47
C LYS A 280 1.11 -33.80 44.81
N LYS A 281 1.92 -32.73 44.80
CA LYS A 281 2.45 -32.13 46.03
C LYS A 281 1.54 -31.03 46.60
N SER A 282 1.20 -30.01 45.79
CA SER A 282 0.33 -28.90 46.12
C SER A 282 -0.97 -28.94 45.32
N PRO A 283 -2.13 -28.78 45.97
CA PRO A 283 -3.40 -28.82 45.25
C PRO A 283 -3.61 -27.56 44.40
N LEU A 284 -4.39 -27.71 43.32
CA LEU A 284 -4.65 -26.62 42.37
C LEU A 284 -5.50 -25.50 42.97
N THR A 285 -6.22 -25.81 44.05
CA THR A 285 -7.11 -24.84 44.71
C THR A 285 -6.37 -23.62 45.24
N ILE A 286 -5.07 -23.77 45.52
CA ILE A 286 -4.22 -22.67 45.99
C ILE A 286 -4.31 -21.48 45.02
N CYS A 287 -4.16 -21.74 43.73
CA CYS A 287 -4.28 -20.72 42.68
C CYS A 287 -5.73 -20.32 42.44
N PHE A 288 -6.56 -21.26 41.94
CA PHE A 288 -7.97 -21.02 41.60
C PHE A 288 -8.87 -21.58 42.69
N PRO A 289 -9.60 -20.73 43.46
CA PRO A 289 -10.58 -21.24 44.43
C PRO A 289 -11.78 -21.91 43.77
N GLU A 290 -12.76 -22.33 44.57
CA GLU A 290 -13.98 -23.02 44.14
C GLU A 290 -13.72 -23.99 42.98
N TYR A 291 -12.61 -24.74 43.07
CA TYR A 291 -12.27 -25.76 42.08
C TYR A 291 -13.27 -26.92 42.11
N THR A 292 -13.57 -27.39 43.31
CA THR A 292 -14.61 -28.40 43.59
C THR A 292 -14.46 -29.65 42.70
N GLY A 293 -13.23 -30.18 42.66
CA GLY A 293 -12.87 -31.36 41.87
C GLY A 293 -11.70 -32.14 42.45
N PRO A 294 -11.49 -33.40 42.01
CA PRO A 294 -10.34 -34.18 42.48
C PRO A 294 -9.02 -33.61 41.94
N ASN A 295 -7.95 -33.71 42.76
CA ASN A 295 -6.63 -33.14 42.44
C ASN A 295 -5.75 -34.23 41.80
N THR A 296 -5.98 -34.52 40.53
CA THR A 296 -5.19 -35.41 39.67
C THR A 296 -4.67 -34.63 38.45
N TYR A 297 -4.03 -35.35 37.51
CA TYR A 297 -3.32 -34.72 36.37
C TYR A 297 -4.29 -34.22 35.28
N GLU A 298 -5.07 -35.15 34.73
CA GLU A 298 -5.92 -34.91 33.56
C GLU A 298 -6.98 -33.84 33.82
N ASP A 299 -7.72 -33.99 34.92
CA ASP A 299 -8.86 -33.11 35.23
C ASP A 299 -8.41 -31.68 35.54
N ALA A 300 -7.28 -31.54 36.23
CA ALA A 300 -6.72 -30.23 36.57
C ALA A 300 -6.29 -29.46 35.31
N ALA A 301 -5.62 -30.18 34.40
CA ALA A 301 -5.23 -29.60 33.10
C ALA A 301 -6.44 -29.28 32.22
N ALA A 302 -7.47 -30.12 32.30
CA ALA A 302 -8.72 -29.93 31.56
C ALA A 302 -9.51 -28.71 32.06
N TYR A 303 -9.44 -28.45 33.37
CA TYR A 303 -10.10 -27.29 33.99
C TYR A 303 -9.40 -25.98 33.60
N ILE A 304 -8.05 -25.99 33.65
CA ILE A 304 -7.26 -24.82 33.20
C ILE A 304 -7.55 -24.52 31.73
N GLN A 305 -7.57 -25.56 30.89
CA GLN A 305 -7.91 -25.43 29.47
C GLN A 305 -9.30 -24.83 29.28
N ALA A 306 -10.27 -25.30 30.07
CA ALA A 306 -11.65 -24.79 30.01
C ALA A 306 -11.74 -23.31 30.41
N GLN A 307 -10.97 -22.91 31.43
CA GLN A 307 -10.90 -21.51 31.86
C GLN A 307 -10.23 -20.62 30.81
N PHE A 308 -9.22 -21.15 30.13
CA PHE A 308 -8.54 -20.44 29.04
C PHE A 308 -9.40 -20.37 27.78
N GLU A 309 -10.24 -21.38 27.55
CA GLU A 309 -11.23 -21.38 26.47
C GLU A 309 -12.34 -20.38 26.71
N SER A 310 -12.57 -19.99 27.97
CA SER A 310 -13.43 -18.88 28.35
C SER A 310 -12.77 -17.55 27.99
N LYS A 311 -13.48 -16.46 28.23
CA LYS A 311 -13.06 -15.10 27.85
C LYS A 311 -12.97 -14.95 26.33
N ASN A 312 -13.77 -15.72 25.60
CA ASN A 312 -13.87 -15.74 24.15
C ASN A 312 -15.33 -15.41 23.77
N ARG A 313 -15.58 -14.12 23.53
CA ARG A 313 -16.91 -13.56 23.33
C ARG A 313 -17.30 -13.49 21.85
N SER A 314 -16.42 -13.95 20.93
CA SER A 314 -16.61 -13.98 19.50
C SER A 314 -16.83 -15.40 19.00
N PRO A 315 -17.80 -15.62 18.09
CA PRO A 315 -18.03 -16.97 17.55
C PRO A 315 -17.11 -17.37 16.41
N ASN A 316 -16.39 -16.39 15.82
CA ASN A 316 -15.50 -16.64 14.70
C ASN A 316 -14.12 -17.15 15.13
N LYS A 317 -13.77 -17.00 16.40
CA LYS A 317 -12.53 -17.48 17.00
C LYS A 317 -12.62 -18.95 17.37
N GLU A 318 -11.49 -19.65 17.25
CA GLU A 318 -11.33 -21.07 17.64
C GLU A 318 -9.97 -21.27 18.31
N ILE A 319 -9.97 -21.77 19.55
CA ILE A 319 -8.75 -21.96 20.35
C ILE A 319 -8.32 -23.43 20.25
N TYR A 320 -7.16 -23.67 19.64
CA TYR A 320 -6.56 -25.01 19.44
C TYR A 320 -5.58 -25.32 20.58
N CYS A 321 -6.14 -25.58 21.77
CA CYS A 321 -5.38 -25.91 22.97
C CYS A 321 -4.61 -27.22 22.83
N HIS A 322 -3.35 -27.21 23.25
CA HIS A 322 -2.46 -28.37 23.23
C HIS A 322 -1.45 -28.29 24.38
N MET A 323 -1.32 -29.38 25.17
CA MET A 323 -0.40 -29.49 26.31
C MET A 323 0.89 -30.18 25.87
N THR A 324 2.04 -29.52 26.09
CA THR A 324 3.36 -30.00 25.71
C THR A 324 4.29 -30.04 26.93
N CYS A 325 5.32 -30.90 26.88
CA CYS A 325 6.28 -31.15 27.97
C CYS A 325 7.72 -31.16 27.44
N SER A 326 8.58 -30.35 28.05
CA SER A 326 10.03 -30.27 27.77
C SER A 326 10.34 -30.28 26.28
N THR A 327 10.56 -31.46 25.71
CA THR A 327 10.78 -31.66 24.27
C THR A 327 9.90 -32.82 23.77
N ASP A 328 9.21 -32.59 22.65
CA ASP A 328 8.33 -33.54 21.98
C ASP A 328 8.72 -33.82 20.53
N THR A 329 9.25 -32.81 19.85
CA THR A 329 9.62 -32.84 18.43
C THR A 329 8.41 -33.05 17.52
N ASN A 330 7.22 -32.63 18.00
CA ASN A 330 5.93 -32.82 17.32
C ASN A 330 5.04 -31.58 17.44
N ASN A 331 5.54 -30.47 17.98
CA ASN A 331 4.76 -29.23 18.12
C ASN A 331 4.62 -28.48 16.80
N ILE A 332 5.57 -28.69 15.88
CA ILE A 332 5.52 -28.13 14.52
C ILE A 332 4.38 -28.75 13.71
N GLN A 333 4.06 -30.02 14.00
CA GLN A 333 2.98 -30.74 13.31
C GLN A 333 1.60 -30.21 13.71
N VAL A 334 1.36 -30.01 15.00
CA VAL A 334 0.09 -29.50 15.52
C VAL A 334 -0.09 -28.04 15.14
N VAL A 335 1.00 -27.27 15.07
CA VAL A 335 0.96 -25.88 14.55
C VAL A 335 0.51 -25.87 13.08
N PHE A 336 1.09 -26.77 12.26
CA PHE A 336 0.69 -26.95 10.86
C PHE A 336 -0.77 -27.39 10.74
N ASP A 337 -1.20 -28.30 11.62
CA ASP A 337 -2.58 -28.82 11.64
C ASP A 337 -3.58 -27.74 12.08
N ALA A 338 -3.14 -26.88 13.00
CA ALA A 338 -3.95 -25.74 13.46
C ALA A 338 -4.08 -24.66 12.39
N VAL A 339 -2.96 -24.33 11.75
CA VAL A 339 -2.90 -23.26 10.72
C VAL A 339 -3.74 -23.64 9.51
N THR A 340 -3.59 -24.88 9.02
CA THR A 340 -4.35 -25.33 7.83
C THR A 340 -5.85 -25.38 8.11
N ASP A 341 -6.24 -25.70 9.38
CA ASP A 341 -7.64 -25.60 9.78
C ASP A 341 -8.16 -24.15 9.78
N ILE A 342 -7.33 -23.21 10.26
CA ILE A 342 -7.66 -21.77 10.27
C ILE A 342 -7.79 -21.22 8.85
N ILE A 343 -6.93 -21.66 7.94
CA ILE A 343 -6.97 -21.25 6.53
C ILE A 343 -8.26 -21.75 5.87
N ILE A 344 -8.59 -23.04 6.09
CA ILE A 344 -9.85 -23.62 5.59
C ILE A 344 -11.07 -22.85 6.12
N ALA A 345 -11.03 -22.48 7.39
CA ALA A 345 -12.10 -21.70 8.04
C ALA A 345 -12.23 -20.30 7.41
N ASN A 346 -11.09 -19.67 7.11
CA ASN A 346 -11.06 -18.36 6.44
C ASN A 346 -11.56 -18.45 5.00
N ASN A 347 -11.24 -19.55 4.30
CA ASN A 347 -11.67 -19.77 2.92
C ASN A 347 -13.20 -19.95 2.84
N LEU A 348 -13.75 -20.75 3.76
CA LEU A 348 -15.20 -20.99 3.84
C LEU A 348 -15.95 -19.73 4.27
N ARG A 349 -15.36 -18.94 5.17
CA ARG A 349 -15.91 -17.62 5.54
C ARG A 349 -15.96 -16.69 4.34
N GLY A 350 -14.87 -16.64 3.57
CA GLY A 350 -14.83 -15.83 2.36
C GLY A 350 -15.82 -16.28 1.28
N CYS A 351 -15.98 -17.60 1.12
CA CYS A 351 -16.95 -18.19 0.21
C CYS A 351 -18.39 -17.91 0.65
N GLY A 352 -18.66 -18.01 1.95
CA GLY A 352 -19.93 -17.73 2.56
C GLY A 352 -20.67 -18.94 3.11
N LEU A 353 -19.91 -19.94 3.55
CA LEU A 353 -20.42 -21.13 4.23
C LEU A 353 -20.28 -21.05 5.75
N TYR A 354 -19.45 -20.14 6.23
CA TYR A 354 -19.19 -19.88 7.64
C TYR A 354 -19.71 -18.48 8.03
N LEU B 19 7.92 13.31 47.22
CA LEU B 19 7.59 13.82 48.51
C LEU B 19 6.20 14.49 48.50
N ASP B 20 5.41 14.27 49.58
CA ASP B 20 4.06 14.82 49.68
C ASP B 20 4.08 16.36 49.69
N GLN B 21 5.08 16.95 50.36
CA GLN B 21 5.31 18.39 50.35
C GLN B 21 5.61 18.89 48.93
N LEU B 22 6.50 18.20 48.22
CA LEU B 22 6.88 18.53 46.85
C LEU B 22 5.74 18.30 45.86
N ARG B 23 4.86 17.34 46.15
CA ARG B 23 3.66 17.11 45.35
C ARG B 23 2.63 18.23 45.56
N GLN B 24 2.50 18.70 46.80
CA GLN B 24 1.65 19.86 47.12
C GLN B 24 2.22 21.15 46.52
N GLU B 25 3.55 21.27 46.50
CA GLU B 25 4.23 22.37 45.82
C GLU B 25 3.98 22.35 44.31
N ALA B 26 4.09 21.15 43.72
CA ALA B 26 3.83 20.95 42.29
C ALA B 26 2.39 21.32 41.92
N GLU B 27 1.44 20.93 42.78
CA GLU B 27 0.02 21.28 42.61
C GLU B 27 -0.22 22.79 42.80
N GLN B 28 0.49 23.39 43.75
CA GLN B 28 0.42 24.84 43.98
C GLN B 28 0.96 25.63 42.79
N LEU B 29 2.05 25.17 42.20
CA LEU B 29 2.60 25.76 40.97
C LEU B 29 1.64 25.64 39.80
N LYS B 30 0.99 24.47 39.66
CA LYS B 30 -0.03 24.25 38.64
C LYS B 30 -1.24 25.17 38.81
N ASN B 31 -1.67 25.37 40.07
CA ASN B 31 -2.78 26.28 40.39
C ASN B 31 -2.41 27.74 40.14
N GLN B 32 -1.23 28.16 40.62
CA GLN B 32 -0.65 29.47 40.31
C GLN B 32 -0.58 29.70 38.81
N ILE B 33 -0.12 28.70 38.07
CA ILE B 33 -0.03 28.73 36.60
C ILE B 33 -1.40 28.94 35.98
N ARG B 34 -2.39 28.14 36.40
CA ARG B 34 -3.76 28.24 35.88
C ARG B 34 -4.38 29.62 36.19
N ASP B 35 -4.06 30.17 37.37
CA ASP B 35 -4.51 31.51 37.76
C ASP B 35 -3.83 32.59 36.92
N ALA B 36 -2.56 32.38 36.56
CA ALA B 36 -1.79 33.28 35.70
C ALA B 36 -2.35 33.31 34.27
N ARG B 37 -2.74 32.14 33.76
CA ARG B 37 -3.42 32.04 32.47
C ARG B 37 -4.80 32.71 32.50
N LYS B 38 -5.58 32.42 33.55
CA LYS B 38 -6.93 32.99 33.70
C LYS B 38 -6.88 34.51 33.81
N ALA B 39 -5.84 35.03 34.46
CA ALA B 39 -5.58 36.47 34.53
C ALA B 39 -5.28 37.07 33.16
N CYS B 40 -4.48 36.34 32.36
CA CYS B 40 -4.17 36.73 30.97
C CYS B 40 -5.20 36.25 29.95
N ALA B 41 -6.12 35.40 30.36
CA ALA B 41 -7.26 34.93 29.58
C ALA B 41 -8.48 35.83 29.79
N ASP B 42 -8.31 37.11 29.43
CA ASP B 42 -9.40 38.07 29.46
C ASP B 42 -10.50 37.73 28.45
N ALA B 43 -10.12 37.07 27.35
CA ALA B 43 -11.00 36.55 26.33
C ALA B 43 -10.45 35.19 25.84
N THR B 44 -11.22 34.49 25.00
CA THR B 44 -10.89 33.20 24.38
C THR B 44 -10.73 33.38 22.87
N LEU B 45 -10.09 32.39 22.22
CA LEU B 45 -9.85 32.44 20.76
C LEU B 45 -11.16 32.46 19.98
N SER B 46 -12.14 31.70 20.45
CA SER B 46 -13.49 31.65 19.87
C SER B 46 -14.20 33.01 19.96
N GLN B 47 -14.03 33.66 21.12
CA GLN B 47 -14.67 34.96 21.41
C GLN B 47 -14.10 36.08 20.53
N ILE B 48 -12.78 36.15 20.43
CA ILE B 48 -12.06 37.21 19.71
C ILE B 48 -12.26 37.07 18.19
N THR B 49 -12.27 35.82 17.69
CA THR B 49 -12.46 35.52 16.27
C THR B 49 -13.94 35.43 15.86
N ASN B 50 -14.87 35.80 16.76
CA ASN B 50 -16.29 35.88 16.41
C ASN B 50 -16.64 37.00 15.41
N ASN B 51 -15.79 38.02 15.29
CA ASN B 51 -16.02 39.17 14.41
C ASN B 51 -15.48 38.95 12.99
N ILE B 52 -14.54 38.01 12.80
CA ILE B 52 -13.94 37.73 11.51
C ILE B 52 -14.92 36.92 10.64
N ASP B 53 -14.73 37.00 9.30
CA ASP B 53 -15.54 36.27 8.31
C ASP B 53 -15.13 34.81 8.26
N PRO B 54 -16.03 33.86 8.56
CA PRO B 54 -15.66 32.43 8.50
C PRO B 54 -15.42 31.96 7.07
N VAL B 55 -14.36 31.15 6.88
CA VAL B 55 -14.01 30.60 5.57
C VAL B 55 -15.15 29.77 5.00
N GLY B 56 -15.43 29.95 3.70
CA GLY B 56 -16.49 29.17 3.07
C GLY B 56 -16.13 27.70 2.89
N ARG B 57 -17.16 26.85 2.86
CA ARG B 57 -17.00 25.39 2.78
C ARG B 57 -16.04 25.01 1.65
N ILE B 58 -15.05 24.18 1.98
CA ILE B 58 -13.97 23.77 1.07
C ILE B 58 -14.30 22.38 0.50
N GLN B 59 -14.34 22.27 -0.85
CA GLN B 59 -14.54 21.00 -1.58
C GLN B 59 -13.22 20.62 -2.26
N MET B 60 -12.47 19.69 -1.65
CA MET B 60 -11.20 19.18 -2.16
C MET B 60 -11.39 17.83 -2.84
N ARG B 61 -10.99 17.74 -4.11
CA ARG B 61 -11.15 16.52 -4.91
C ARG B 61 -9.84 15.73 -4.91
N THR B 62 -9.95 14.38 -5.03
CA THR B 62 -8.79 13.49 -5.14
C THR B 62 -8.15 13.67 -6.51
N ARG B 63 -7.13 14.54 -6.57
CA ARG B 63 -6.43 14.85 -7.82
C ARG B 63 -5.66 13.65 -8.37
N ARG B 64 -5.02 12.88 -7.51
CA ARG B 64 -4.21 11.71 -7.85
C ARG B 64 -4.31 10.63 -6.75
N THR B 65 -4.29 9.36 -7.18
CA THR B 65 -4.21 8.17 -6.31
C THR B 65 -2.92 7.41 -6.63
N LEU B 66 -2.07 7.22 -5.63
CA LEU B 66 -0.78 6.56 -5.74
C LEU B 66 -0.90 5.08 -5.34
N ARG B 67 -0.79 4.17 -6.30
CA ARG B 67 -0.94 2.73 -6.12
C ARG B 67 0.42 2.05 -6.31
N GLY B 68 0.61 0.92 -5.61
CA GLY B 68 1.84 0.13 -5.57
C GLY B 68 2.13 -0.58 -4.26
N HIS B 69 1.71 0.01 -3.14
CA HIS B 69 1.81 -0.60 -1.82
C HIS B 69 0.84 -1.77 -1.70
N LEU B 70 1.27 -2.79 -0.93
CA LEU B 70 0.55 -4.07 -0.75
C LEU B 70 0.32 -4.38 0.73
N ALA B 71 0.34 -3.36 1.57
CA ALA B 71 0.16 -3.44 3.02
C ALA B 71 -0.28 -2.06 3.55
N LYS B 72 -0.53 -1.98 4.88
CA LYS B 72 -1.04 -0.76 5.53
C LYS B 72 0.04 0.33 5.61
N ILE B 73 -0.19 1.46 4.94
CA ILE B 73 0.70 2.62 4.98
C ILE B 73 0.59 3.29 6.34
N TYR B 74 1.73 3.53 6.99
CA TYR B 74 1.82 4.00 8.38
C TYR B 74 2.34 5.42 8.53
N ALA B 75 3.20 5.88 7.60
CA ALA B 75 3.77 7.22 7.59
C ALA B 75 4.05 7.69 6.14
N MET B 76 4.01 9.00 5.93
CA MET B 76 4.40 9.69 4.70
C MET B 76 4.92 11.08 5.03
N HIS B 77 5.86 11.60 4.22
CA HIS B 77 6.47 12.92 4.40
C HIS B 77 6.77 13.57 3.04
N TRP B 78 6.26 14.79 2.82
CA TRP B 78 6.52 15.57 1.61
C TRP B 78 7.96 16.12 1.60
N GLY B 79 8.60 16.08 0.42
CA GLY B 79 9.86 16.76 0.24
C GLY B 79 9.69 18.27 0.15
N THR B 80 10.80 19.00 0.38
CA THR B 80 10.77 20.48 0.43
C THR B 80 10.51 21.11 -0.93
N ASP B 81 10.67 20.35 -2.01
CA ASP B 81 10.33 20.77 -3.37
C ASP B 81 8.84 20.68 -3.66
N SER B 82 8.07 20.08 -2.74
CA SER B 82 6.62 19.97 -2.79
C SER B 82 6.11 19.12 -3.96
N ARG B 83 6.96 18.21 -4.43
CA ARG B 83 6.65 17.26 -5.49
C ARG B 83 6.94 15.81 -5.11
N LEU B 84 8.14 15.54 -4.60
CA LEU B 84 8.56 14.22 -4.14
C LEU B 84 8.07 13.97 -2.72
N LEU B 85 7.48 12.79 -2.50
CA LEU B 85 7.07 12.33 -1.16
C LEU B 85 7.45 10.85 -0.97
N VAL B 86 7.83 10.44 0.25
CA VAL B 86 8.17 9.06 0.60
C VAL B 86 7.07 8.50 1.51
N SER B 87 6.73 7.21 1.32
CA SER B 87 5.71 6.52 2.11
C SER B 87 6.22 5.17 2.62
N ALA B 88 5.95 4.87 3.89
CA ALA B 88 6.35 3.65 4.58
C ALA B 88 5.12 2.78 4.88
N SER B 89 5.19 1.50 4.52
CA SER B 89 4.12 0.52 4.69
C SER B 89 4.67 -0.77 5.33
N GLN B 90 3.78 -1.69 5.69
CA GLN B 90 4.09 -2.90 6.47
C GLN B 90 4.64 -4.05 5.62
N ASP B 91 4.71 -3.88 4.30
CA ASP B 91 5.31 -4.84 3.38
C ASP B 91 6.82 -4.69 3.29
N GLY B 92 7.37 -3.74 4.02
CA GLY B 92 8.80 -3.50 4.09
C GLY B 92 9.38 -2.77 2.89
N LYS B 93 8.67 -1.74 2.41
CA LYS B 93 9.02 -0.96 1.22
C LYS B 93 8.86 0.54 1.49
N LEU B 94 9.92 1.31 1.20
CA LEU B 94 9.88 2.78 1.12
C LEU B 94 9.80 3.19 -0.35
N ILE B 95 8.65 3.74 -0.77
CA ILE B 95 8.43 4.15 -2.17
C ILE B 95 8.43 5.69 -2.23
N ILE B 96 9.36 6.24 -3.02
CA ILE B 96 9.47 7.70 -3.24
C ILE B 96 8.74 8.00 -4.56
N TRP B 97 7.60 8.74 -4.47
CA TRP B 97 6.67 9.02 -5.56
C TRP B 97 6.93 10.42 -6.14
N ASP B 98 6.78 10.54 -7.47
CA ASP B 98 6.70 11.81 -8.21
C ASP B 98 5.21 12.18 -8.26
N SER B 99 4.77 12.94 -7.24
CA SER B 99 3.35 13.21 -7.00
C SER B 99 2.65 13.79 -8.23
N TYR B 100 3.37 14.61 -9.00
CA TYR B 100 2.83 15.29 -10.19
C TYR B 100 2.41 14.30 -11.29
N THR B 101 3.17 13.22 -11.47
CA THR B 101 2.96 12.21 -12.50
C THR B 101 2.65 10.82 -11.96
N THR B 102 2.59 10.67 -10.65
CA THR B 102 2.32 9.40 -9.95
C THR B 102 3.35 8.32 -10.29
N ASN B 103 4.57 8.71 -10.64
CA ASN B 103 5.68 7.83 -10.98
C ASN B 103 6.48 7.47 -9.73
N LYS B 104 7.05 6.26 -9.71
CA LYS B 104 7.85 5.75 -8.58
C LYS B 104 9.34 6.00 -8.87
N VAL B 105 9.92 6.96 -8.14
CA VAL B 105 11.34 7.34 -8.29
C VAL B 105 12.25 6.30 -7.66
N HIS B 106 11.81 5.75 -6.52
CA HIS B 106 12.56 4.69 -5.82
C HIS B 106 11.58 3.71 -5.16
N ALA B 107 12.06 2.47 -4.87
CA ALA B 107 11.35 1.41 -4.10
C ALA B 107 12.37 0.66 -3.23
N ILE B 108 12.58 1.12 -2.02
CA ILE B 108 13.71 0.70 -1.16
C ILE B 108 13.20 -0.51 -0.32
N PRO B 109 13.77 -1.69 -0.49
CA PRO B 109 13.43 -2.82 0.42
C PRO B 109 14.01 -2.60 1.82
N LEU B 110 13.18 -2.81 2.84
CA LEU B 110 13.54 -2.62 4.24
C LEU B 110 14.04 -3.92 4.88
N ARG B 111 15.07 -3.81 5.74
CA ARG B 111 15.63 -4.97 6.46
C ARG B 111 14.62 -5.54 7.46
N SER B 112 13.95 -4.67 8.20
CA SER B 112 12.83 -4.99 9.08
C SER B 112 11.54 -4.39 8.47
N SER B 113 10.58 -5.25 8.16
CA SER B 113 9.29 -4.90 7.56
C SER B 113 8.22 -4.60 8.62
N TRP B 114 8.57 -3.69 9.54
CA TRP B 114 7.74 -3.25 10.65
C TRP B 114 7.88 -1.74 10.89
N VAL B 115 8.09 -0.96 9.82
CA VAL B 115 8.26 0.48 9.86
C VAL B 115 6.96 1.16 10.27
N MET B 116 7.06 2.10 11.23
CA MET B 116 5.94 2.89 11.74
C MET B 116 6.11 4.40 11.54
N THR B 117 7.25 4.83 10.99
CA THR B 117 7.56 6.23 10.69
C THR B 117 8.56 6.31 9.52
N CYS B 118 8.49 7.40 8.75
CA CYS B 118 9.42 7.74 7.66
C CYS B 118 9.57 9.26 7.56
N ALA B 119 10.81 9.73 7.31
CA ALA B 119 11.17 11.14 7.20
C ALA B 119 11.93 11.40 5.90
N TYR B 120 11.67 12.56 5.28
CA TYR B 120 12.36 13.04 4.07
C TYR B 120 13.19 14.28 4.44
N ALA B 121 14.50 14.21 4.22
CA ALA B 121 15.44 15.26 4.60
C ALA B 121 15.13 16.58 3.89
N PRO B 122 15.36 17.72 4.55
CA PRO B 122 15.03 19.01 3.93
C PRO B 122 15.84 19.32 2.67
N SER B 123 17.06 18.77 2.58
CA SER B 123 17.88 18.89 1.38
C SER B 123 17.39 17.98 0.25
N GLY B 124 16.79 16.85 0.62
CA GLY B 124 16.31 15.87 -0.32
C GLY B 124 17.31 14.82 -0.73
N ASN B 125 18.33 14.60 0.09
CA ASN B 125 19.41 13.64 -0.12
C ASN B 125 19.22 12.34 0.65
N TYR B 126 18.69 12.42 1.87
CA TYR B 126 18.51 11.30 2.79
C TYR B 126 17.02 11.03 3.07
N VAL B 127 16.70 9.77 3.37
CA VAL B 127 15.38 9.30 3.82
C VAL B 127 15.59 8.34 5.01
N ALA B 128 14.92 8.60 6.12
CA ALA B 128 15.01 7.80 7.35
C ALA B 128 13.70 7.05 7.60
N CYS B 129 13.79 5.87 8.22
CA CYS B 129 12.66 5.00 8.60
C CYS B 129 13.03 4.13 9.80
N GLY B 130 12.02 3.69 10.57
CA GLY B 130 12.18 2.79 11.71
C GLY B 130 10.82 2.37 12.27
N GLY B 131 10.83 1.49 13.27
CA GLY B 131 9.64 0.87 13.84
C GLY B 131 9.95 -0.02 15.04
N LEU B 132 9.48 -1.28 14.96
CA LEU B 132 9.65 -2.29 16.01
C LEU B 132 11.07 -2.84 16.12
N ASP B 133 11.90 -2.62 15.09
CA ASP B 133 13.31 -3.02 15.11
C ASP B 133 14.14 -2.17 16.07
N ASN B 134 13.61 -1.03 16.50
CA ASN B 134 14.25 -0.10 17.42
C ASN B 134 15.50 0.54 16.84
N ILE B 135 15.55 0.66 15.51
CA ILE B 135 16.67 1.20 14.75
C ILE B 135 16.13 2.19 13.71
N CYS B 136 16.62 3.44 13.76
CA CYS B 136 16.24 4.51 12.81
C CYS B 136 17.16 4.46 11.59
N SER B 137 16.86 3.53 10.68
CA SER B 137 17.63 3.30 9.45
C SER B 137 17.58 4.51 8.51
N ILE B 138 18.73 5.05 8.16
CA ILE B 138 18.90 6.22 7.29
C ILE B 138 19.46 5.74 5.95
N TYR B 139 18.85 6.19 4.84
CA TYR B 139 19.11 5.79 3.47
C TYR B 139 19.58 6.99 2.63
N ASN B 140 20.71 6.84 1.94
CA ASN B 140 21.28 7.86 1.04
C ASN B 140 20.78 7.60 -0.38
N LEU B 141 20.10 8.59 -0.96
CA LEU B 141 19.54 8.54 -2.30
C LEU B 141 20.53 8.93 -3.38
N LYS B 142 21.32 9.98 -3.13
CA LYS B 142 22.30 10.52 -4.06
C LYS B 142 23.65 9.80 -3.90
N THR B 143 23.67 8.53 -4.31
CA THR B 143 24.84 7.66 -4.30
C THR B 143 25.39 7.50 -5.72
N ARG B 144 26.74 7.38 -5.82
CA ARG B 144 27.44 7.22 -7.10
C ARG B 144 27.15 5.87 -7.76
N GLU B 145 26.87 4.86 -6.94
CA GLU B 145 26.47 3.53 -7.40
C GLU B 145 25.08 3.54 -8.02
N GLY B 146 24.27 4.52 -7.68
CA GLY B 146 22.96 4.74 -8.25
C GLY B 146 21.85 3.91 -7.68
N ASN B 147 22.11 3.17 -6.61
CA ASN B 147 21.14 2.42 -5.83
C ASN B 147 21.12 2.92 -4.39
N VAL B 148 19.94 2.90 -3.77
CA VAL B 148 19.72 3.40 -2.41
C VAL B 148 20.22 2.35 -1.41
N ARG B 149 21.14 2.75 -0.52
CA ARG B 149 21.77 1.88 0.49
C ARG B 149 21.69 2.55 1.86
N VAL B 150 21.72 1.73 2.93
CA VAL B 150 21.59 2.18 4.33
C VAL B 150 22.84 2.91 4.75
N SER B 151 22.77 4.25 4.77
CA SER B 151 23.91 5.10 5.12
C SER B 151 24.34 4.90 6.56
N ARG B 152 23.37 4.77 7.47
CA ARG B 152 23.63 4.55 8.90
C ARG B 152 22.41 3.89 9.56
N GLU B 153 22.65 3.03 10.56
CA GLU B 153 21.63 2.38 11.40
C GLU B 153 21.81 2.83 12.85
N LEU B 154 20.92 3.71 13.33
CA LEU B 154 20.99 4.34 14.66
C LEU B 154 20.32 3.44 15.70
N ALA B 155 21.12 2.80 16.53
CA ALA B 155 20.71 1.89 17.60
C ALA B 155 21.03 2.52 18.97
N GLY B 156 20.20 2.20 19.97
CA GLY B 156 20.25 2.75 21.33
C GLY B 156 18.92 2.85 22.05
N HIS B 157 17.82 3.11 21.31
CA HIS B 157 16.47 3.10 21.85
C HIS B 157 16.05 1.69 22.25
N THR B 158 15.48 1.56 23.45
CA THR B 158 15.01 0.30 24.01
C THR B 158 13.52 0.04 23.77
N GLY B 159 12.83 0.98 23.13
CA GLY B 159 11.45 0.83 22.75
C GLY B 159 11.26 1.06 21.23
N TYR B 160 10.06 0.73 20.75
CA TYR B 160 9.69 0.91 19.33
C TYR B 160 9.79 2.39 18.92
N LEU B 161 10.35 2.64 17.74
CA LEU B 161 10.52 4.00 17.21
C LEU B 161 9.18 4.48 16.62
N SER B 162 8.73 5.66 17.05
CA SER B 162 7.41 6.20 16.72
C SER B 162 7.44 7.33 15.68
N CYS B 163 8.41 8.23 15.76
CA CYS B 163 8.60 9.34 14.84
C CYS B 163 10.07 9.78 14.80
N CYS B 164 10.54 10.21 13.62
CA CYS B 164 11.88 10.78 13.37
C CYS B 164 11.76 11.96 12.41
N ARG B 165 12.53 13.03 12.66
CA ARG B 165 12.51 14.25 11.84
C ARG B 165 13.93 14.82 11.68
N PHE B 166 14.31 15.16 10.44
CA PHE B 166 15.62 15.70 10.07
C PHE B 166 15.70 17.20 10.38
N LEU B 167 16.64 17.56 11.28
CA LEU B 167 17.03 18.95 11.47
C LEU B 167 17.86 19.46 10.27
N ASP B 168 18.81 18.68 9.83
CA ASP B 168 19.58 18.83 8.59
C ASP B 168 20.16 17.46 8.22
N ASP B 169 21.10 17.43 7.26
CA ASP B 169 21.70 16.19 6.74
C ASP B 169 22.66 15.51 7.73
N ASN B 170 23.07 16.20 8.78
CA ASN B 170 24.06 15.75 9.75
C ASN B 170 23.43 15.14 11.01
N GLN B 171 22.39 15.77 11.56
CA GLN B 171 21.74 15.38 12.81
C GLN B 171 20.24 15.20 12.63
N ILE B 172 19.69 14.16 13.29
CA ILE B 172 18.26 13.80 13.21
C ILE B 172 17.72 13.59 14.64
N VAL B 173 16.49 14.08 14.92
CA VAL B 173 15.81 13.88 16.20
C VAL B 173 14.74 12.79 16.03
N THR B 174 14.70 11.82 16.95
CA THR B 174 13.79 10.68 16.92
C THR B 174 13.09 10.52 18.27
N SER B 175 11.81 10.16 18.25
CA SER B 175 11.01 9.84 19.44
C SER B 175 10.60 8.36 19.41
N SER B 176 10.88 7.64 20.51
CA SER B 176 10.69 6.19 20.58
C SER B 176 9.67 5.83 21.67
N GLY B 177 9.38 4.54 21.83
CA GLY B 177 8.44 3.99 22.79
C GLY B 177 9.02 3.65 24.14
N ASP B 178 10.27 4.04 24.38
CA ASP B 178 10.95 3.92 25.67
C ASP B 178 10.76 5.16 26.52
N THR B 179 9.75 5.96 26.22
CA THR B 179 9.39 7.19 26.92
C THR B 179 10.53 8.22 26.88
N THR B 180 11.25 8.27 25.76
CA THR B 180 12.46 9.07 25.54
C THR B 180 12.58 9.50 24.07
N CYS B 181 12.86 10.80 23.87
CA CYS B 181 13.25 11.37 22.58
C CYS B 181 14.76 11.58 22.58
N ALA B 182 15.42 11.35 21.45
CA ALA B 182 16.88 11.38 21.30
C ALA B 182 17.30 12.15 20.05
N LEU B 183 18.22 13.10 20.19
CA LEU B 183 18.90 13.81 19.11
C LEU B 183 20.19 13.06 18.76
N TRP B 184 20.32 12.63 17.50
CA TRP B 184 21.42 11.82 16.98
C TRP B 184 22.31 12.67 16.07
N ASP B 185 23.59 12.21 15.92
CA ASP B 185 24.55 12.73 14.94
C ASP B 185 24.84 11.58 13.96
N ILE B 186 24.36 11.73 12.72
CA ILE B 186 24.33 10.64 11.71
C ILE B 186 25.74 10.20 11.33
N GLU B 187 26.68 11.13 11.34
CA GLU B 187 28.09 10.86 11.03
C GLU B 187 28.72 9.92 12.07
N THR B 188 28.70 10.34 13.34
CA THR B 188 29.27 9.54 14.43
C THR B 188 28.42 8.30 14.73
N GLY B 189 27.10 8.49 14.82
CA GLY B 189 26.15 7.40 14.95
C GLY B 189 25.73 7.03 16.35
N GLN B 190 25.75 7.97 17.28
CA GLN B 190 25.26 7.82 18.65
C GLN B 190 24.38 9.03 19.00
N GLN B 191 23.70 8.96 20.15
CA GLN B 191 22.79 10.02 20.64
C GLN B 191 23.60 11.19 21.19
N THR B 192 23.62 12.29 20.44
CA THR B 192 24.27 13.54 20.90
C THR B 192 23.62 14.06 22.18
N THR B 193 22.28 14.16 22.18
CA THR B 193 21.48 14.59 23.33
C THR B 193 20.28 13.68 23.50
N THR B 194 19.95 13.32 24.75
CA THR B 194 18.80 12.49 25.12
C THR B 194 17.80 13.35 25.91
N PHE B 195 16.54 13.36 25.47
CA PHE B 195 15.41 14.10 26.06
C PHE B 195 14.51 13.11 26.83
N THR B 196 14.44 13.28 28.15
CA THR B 196 13.68 12.42 29.05
C THR B 196 12.78 13.29 29.94
N GLY B 197 11.69 12.70 30.44
CA GLY B 197 10.65 13.34 31.23
C GLY B 197 9.23 12.81 31.04
N HIS B 198 8.92 12.35 29.83
CA HIS B 198 7.65 11.69 29.52
C HIS B 198 7.49 10.41 30.34
N THR B 199 6.29 10.22 30.90
CA THR B 199 5.93 9.02 31.66
C THR B 199 5.47 7.89 30.73
N GLY B 200 4.70 8.24 29.68
CA GLY B 200 4.22 7.28 28.70
C GLY B 200 5.06 7.30 27.41
N ASP B 201 4.75 6.36 26.51
CA ASP B 201 5.46 6.22 25.23
C ASP B 201 5.24 7.45 24.35
N VAL B 202 6.33 8.04 23.82
CA VAL B 202 6.25 9.18 22.91
C VAL B 202 5.89 8.69 21.51
N MET B 203 4.82 9.25 20.94
CA MET B 203 4.17 8.76 19.73
C MET B 203 4.32 9.68 18.51
N SER B 204 4.76 10.91 18.69
CA SER B 204 4.81 11.92 17.65
C SER B 204 5.95 12.93 17.90
N LEU B 205 6.34 13.65 16.85
CA LEU B 205 7.30 14.75 16.86
C LEU B 205 6.84 15.86 15.91
N SER B 206 7.34 17.09 16.14
CA SER B 206 7.15 18.25 15.27
C SER B 206 8.32 19.23 15.45
N LEU B 207 9.04 19.52 14.37
CA LEU B 207 10.13 20.49 14.35
C LEU B 207 9.60 21.89 14.01
N ALA B 208 9.92 22.88 14.85
CA ALA B 208 9.54 24.27 14.62
C ALA B 208 10.26 24.82 13.38
N PRO B 209 9.64 25.79 12.67
CA PRO B 209 10.25 26.32 11.44
C PRO B 209 11.71 26.74 11.59
N ASP B 210 12.05 27.36 12.74
CA ASP B 210 13.43 27.78 13.03
C ASP B 210 14.32 26.62 13.46
N THR B 211 13.73 25.51 13.86
CA THR B 211 14.40 24.27 14.27
C THR B 211 15.26 24.45 15.52
N ARG B 212 14.89 25.41 16.37
CA ARG B 212 15.54 25.68 17.64
C ARG B 212 14.91 24.90 18.80
N LEU B 213 13.61 24.71 18.77
CA LEU B 213 12.82 23.92 19.70
C LEU B 213 11.92 22.94 18.94
N PHE B 214 11.57 21.81 19.59
CA PHE B 214 10.61 20.83 19.07
C PHE B 214 9.67 20.38 20.21
N VAL B 215 8.44 19.96 19.86
CA VAL B 215 7.42 19.50 20.81
C VAL B 215 7.05 18.05 20.47
N SER B 216 6.79 17.24 21.52
CA SER B 216 6.48 15.80 21.35
C SER B 216 5.32 15.38 22.26
N GLY B 217 4.30 14.77 21.67
CA GLY B 217 3.19 14.23 22.43
C GLY B 217 3.32 12.72 22.69
N ALA B 218 3.07 12.33 23.92
CA ALA B 218 3.29 10.97 24.44
C ALA B 218 1.97 10.37 24.94
N CYS B 219 2.04 9.12 25.46
CA CYS B 219 0.89 8.34 25.91
C CYS B 219 0.39 8.71 27.31
N ASP B 220 1.08 9.61 28.00
CA ASP B 220 0.69 10.12 29.31
C ASP B 220 -0.25 11.31 29.20
N ALA B 221 -0.82 11.53 28.03
CA ALA B 221 -1.80 12.58 27.76
C ALA B 221 -1.24 13.98 28.02
N SER B 222 0.01 14.20 27.64
CA SER B 222 0.73 15.46 27.81
C SER B 222 1.76 15.65 26.69
N ALA B 223 1.90 16.89 26.24
CA ALA B 223 2.90 17.32 25.25
C ALA B 223 3.93 18.24 25.92
N LYS B 224 5.22 18.00 25.66
CA LYS B 224 6.32 18.76 26.29
C LYS B 224 7.16 19.44 25.19
N LEU B 225 7.46 20.73 25.38
CA LEU B 225 8.35 21.52 24.52
C LEU B 225 9.81 21.33 24.96
N TRP B 226 10.69 20.99 24.02
CA TRP B 226 12.10 20.70 24.25
C TRP B 226 12.99 21.68 23.47
N ASP B 227 14.10 22.10 24.10
CA ASP B 227 15.11 22.97 23.50
C ASP B 227 16.26 22.09 22.97
N VAL B 228 16.48 22.13 21.64
CA VAL B 228 17.45 21.26 20.96
C VAL B 228 18.87 21.57 21.41
N ARG B 229 19.20 22.86 21.50
CA ARG B 229 20.56 23.32 21.85
C ARG B 229 20.86 23.11 23.34
N GLU B 230 19.94 23.55 24.20
CA GLU B 230 20.07 23.36 25.65
C GLU B 230 20.09 21.87 26.02
N GLY B 231 19.10 21.13 25.53
CA GLY B 231 19.02 19.69 25.63
C GLY B 231 18.17 19.15 26.77
N MET B 232 17.06 19.84 27.09
CA MET B 232 16.09 19.45 28.12
C MET B 232 14.81 20.27 27.96
N CYS B 233 13.70 19.76 28.52
CA CYS B 233 12.35 20.32 28.35
C CYS B 233 12.27 21.77 28.84
N ARG B 234 11.32 22.52 28.30
CA ARG B 234 11.04 23.92 28.66
C ARG B 234 9.65 24.12 29.25
N GLN B 235 8.60 23.62 28.59
CA GLN B 235 7.21 23.71 29.01
C GLN B 235 6.52 22.35 28.82
N THR B 236 5.48 22.09 29.62
CA THR B 236 4.61 20.90 29.53
C THR B 236 3.15 21.35 29.43
N PHE B 237 2.41 20.82 28.44
CA PHE B 237 1.03 21.16 28.11
C PHE B 237 0.15 19.93 28.32
N THR B 238 -0.88 20.06 29.17
CA THR B 238 -1.86 19.03 29.49
C THR B 238 -3.27 19.57 29.15
N GLY B 239 -4.26 18.68 29.23
CA GLY B 239 -5.65 18.94 28.85
C GLY B 239 -6.34 17.76 28.17
N HIS B 240 -5.56 16.95 27.45
CA HIS B 240 -6.04 15.72 26.82
C HIS B 240 -6.45 14.70 27.87
N GLU B 241 -7.56 14.00 27.60
CA GLU B 241 -8.11 12.96 28.46
C GLU B 241 -7.60 11.56 28.11
N SER B 242 -6.79 11.44 27.07
CA SER B 242 -6.24 10.19 26.56
C SER B 242 -4.87 10.44 25.90
N ASP B 243 -4.23 9.34 25.46
CA ASP B 243 -2.90 9.37 24.83
C ASP B 243 -2.89 10.17 23.53
N ILE B 244 -1.84 10.98 23.34
CA ILE B 244 -1.64 11.80 22.12
C ILE B 244 -0.94 10.95 21.06
N ASN B 245 -1.46 10.95 19.84
CA ASN B 245 -0.96 10.20 18.69
C ASN B 245 -0.16 11.05 17.70
N ALA B 246 -0.49 12.32 17.55
CA ALA B 246 0.10 13.25 16.58
C ALA B 246 0.30 14.64 17.20
N ILE B 247 1.18 15.44 16.58
CA ILE B 247 1.48 16.82 16.98
C ILE B 247 2.08 17.57 15.77
N CYS B 248 1.83 18.88 15.68
CA CYS B 248 2.29 19.74 14.58
C CYS B 248 2.28 21.23 15.00
N PHE B 249 3.38 21.94 14.77
CA PHE B 249 3.51 23.38 15.04
C PHE B 249 2.66 24.22 14.09
N PHE B 250 2.25 25.42 14.56
CA PHE B 250 1.61 26.43 13.71
C PHE B 250 2.66 27.05 12.78
N PRO B 251 2.30 27.35 11.51
CA PRO B 251 3.30 27.84 10.55
C PRO B 251 4.20 28.96 11.06
N ASN B 252 3.69 29.84 11.92
CA ASN B 252 4.49 30.94 12.48
C ASN B 252 5.50 30.43 13.50
N GLY B 253 5.20 29.32 14.15
CA GLY B 253 6.11 28.64 15.06
C GLY B 253 6.02 29.06 16.51
N ASN B 254 4.91 29.68 16.91
CA ASN B 254 4.63 30.12 18.26
C ASN B 254 3.51 29.33 18.94
N ALA B 255 2.84 28.45 18.20
CA ALA B 255 1.77 27.59 18.69
C ALA B 255 1.87 26.21 17.98
N PHE B 256 1.15 25.22 18.52
CA PHE B 256 1.09 23.85 17.98
C PHE B 256 -0.26 23.20 18.33
N ALA B 257 -0.72 22.28 17.49
CA ALA B 257 -1.94 21.49 17.66
C ALA B 257 -1.60 20.01 17.86
N THR B 258 -2.43 19.30 18.64
CA THR B 258 -2.24 17.91 19.00
C THR B 258 -3.49 17.09 18.62
N GLY B 259 -3.30 15.76 18.44
CA GLY B 259 -4.37 14.81 18.15
C GLY B 259 -4.28 13.55 19.02
N SER B 260 -5.38 13.13 19.65
CA SER B 260 -5.45 12.07 20.64
C SER B 260 -6.60 11.10 20.30
N ASP B 261 -6.77 10.06 21.14
CA ASP B 261 -7.75 8.98 20.94
C ASP B 261 -9.16 9.35 21.40
N ASP B 262 -9.30 10.43 22.17
CA ASP B 262 -10.59 10.89 22.69
C ASP B 262 -11.38 11.73 21.68
N ALA B 263 -10.89 11.77 20.45
CA ALA B 263 -11.56 12.41 19.32
C ALA B 263 -11.65 13.93 19.47
N THR B 264 -10.58 14.54 19.98
CA THR B 264 -10.44 15.98 20.19
C THR B 264 -9.07 16.45 19.73
N CYS B 265 -9.05 17.47 18.83
CA CYS B 265 -7.83 18.23 18.55
C CYS B 265 -7.73 19.44 19.48
N ARG B 266 -6.52 19.71 19.98
CA ARG B 266 -6.32 20.78 20.98
C ARG B 266 -5.15 21.69 20.55
N LEU B 267 -5.42 23.00 20.44
CA LEU B 267 -4.40 24.00 20.07
C LEU B 267 -3.77 24.59 21.34
N PHE B 268 -2.44 24.59 21.44
CA PHE B 268 -1.66 25.13 22.55
C PHE B 268 -0.70 26.21 22.05
N ASP B 269 -0.45 27.23 22.88
CA ASP B 269 0.42 28.37 22.58
C ASP B 269 1.67 28.33 23.49
N LEU B 270 2.85 28.43 22.87
CA LEU B 270 4.12 28.36 23.60
C LEU B 270 4.28 29.49 24.61
N ARG B 271 3.87 30.70 24.23
CA ARG B 271 4.00 31.89 25.06
C ARG B 271 2.97 31.89 26.20
N ALA B 272 1.71 31.66 25.87
CA ALA B 272 0.61 31.62 26.85
C ALA B 272 0.72 30.40 27.77
N ASP B 273 1.22 29.28 27.23
CA ASP B 273 1.44 28.03 27.95
C ASP B 273 0.11 27.43 28.47
N GLN B 274 -0.83 27.22 27.55
CA GLN B 274 -2.19 26.77 27.85
C GLN B 274 -2.90 26.25 26.60
N GLU B 275 -4.05 25.60 26.81
CA GLU B 275 -5.01 25.28 25.74
C GLU B 275 -5.74 26.55 25.30
N LEU B 276 -5.78 26.79 24.00
CA LEU B 276 -6.42 27.96 23.38
C LEU B 276 -7.80 27.66 22.79
N MET B 277 -7.95 26.52 22.14
CA MET B 277 -9.17 26.09 21.45
C MET B 277 -9.24 24.54 21.42
N THR B 278 -10.47 24.03 21.31
CA THR B 278 -10.78 22.59 21.18
C THR B 278 -11.61 22.34 19.92
N TYR B 279 -11.23 21.32 19.14
CA TYR B 279 -11.88 20.93 17.88
C TYR B 279 -12.49 19.55 18.05
N SER B 280 -13.70 19.53 18.63
CA SER B 280 -14.46 18.33 18.97
C SER B 280 -15.89 18.44 18.46
N HIS B 281 -16.32 17.49 17.64
CA HIS B 281 -17.69 17.36 17.13
C HIS B 281 -18.33 16.10 17.74
N ASP B 282 -19.61 16.21 18.10
CA ASP B 282 -20.33 15.16 18.86
C ASP B 282 -20.51 13.87 18.05
N ASN B 283 -20.53 13.99 16.72
CA ASN B 283 -20.69 12.85 15.81
C ASN B 283 -19.40 12.04 15.65
N ILE B 284 -18.25 12.57 16.08
CA ILE B 284 -16.94 11.94 16.01
C ILE B 284 -16.56 11.42 17.40
N ILE B 285 -16.29 10.15 17.49
CA ILE B 285 -15.82 9.46 18.74
C ILE B 285 -14.54 8.65 18.52
N CYS B 286 -14.19 8.29 17.30
CA CYS B 286 -13.00 7.54 16.94
C CYS B 286 -11.73 8.37 17.14
N GLY B 287 -10.60 7.67 17.40
CA GLY B 287 -9.36 8.36 17.70
C GLY B 287 -8.72 9.04 16.49
N ILE B 288 -7.81 9.99 16.77
CA ILE B 288 -7.09 10.77 15.76
C ILE B 288 -5.69 10.18 15.58
N THR B 289 -5.28 9.97 14.34
CA THR B 289 -4.00 9.36 13.95
C THR B 289 -2.91 10.40 13.65
N SER B 290 -3.23 11.42 12.85
CA SER B 290 -2.31 12.45 12.37
C SER B 290 -3.05 13.78 12.18
N VAL B 291 -2.36 14.90 12.47
CA VAL B 291 -2.86 16.27 12.30
C VAL B 291 -1.83 17.09 11.53
N SER B 292 -2.29 18.09 10.76
CA SER B 292 -1.45 18.98 9.95
C SER B 292 -2.16 20.32 9.70
N PHE B 293 -1.39 21.39 9.53
CA PHE B 293 -1.84 22.77 9.26
C PHE B 293 -1.67 23.13 7.79
N SER B 294 -2.38 24.16 7.33
CA SER B 294 -2.21 24.77 6.02
C SER B 294 -1.02 25.74 6.04
N LYS B 295 -0.70 26.31 4.87
CA LYS B 295 0.46 27.21 4.74
C LYS B 295 0.30 28.46 5.60
N SER B 296 -0.88 29.09 5.54
CA SER B 296 -1.22 30.26 6.34
C SER B 296 -1.61 29.90 7.77
N GLY B 297 -2.06 28.66 7.99
CA GLY B 297 -2.42 28.13 9.28
C GLY B 297 -3.87 28.29 9.65
N ARG B 298 -4.70 28.76 8.72
CA ARG B 298 -6.12 29.00 8.93
C ARG B 298 -6.92 27.70 9.00
N LEU B 299 -6.49 26.68 8.27
CA LEU B 299 -7.10 25.36 8.21
C LEU B 299 -6.25 24.33 8.97
N LEU B 300 -6.92 23.43 9.68
CA LEU B 300 -6.34 22.32 10.46
C LEU B 300 -6.95 21.00 9.97
N LEU B 301 -6.13 20.15 9.35
CA LEU B 301 -6.56 18.87 8.77
C LEU B 301 -6.11 17.72 9.68
N ALA B 302 -7.09 16.95 10.18
CA ALA B 302 -6.83 15.84 11.11
C ALA B 302 -7.35 14.53 10.53
N GLY B 303 -6.51 13.48 10.53
CA GLY B 303 -6.86 12.14 10.07
C GLY B 303 -7.44 11.27 11.18
N TYR B 304 -8.65 10.75 11.01
CA TYR B 304 -9.43 10.01 11.98
C TYR B 304 -9.50 8.54 11.60
N ASP B 305 -10.02 7.71 12.54
CA ASP B 305 -10.18 6.26 12.35
C ASP B 305 -11.49 5.89 11.67
N ASP B 306 -12.35 6.87 11.40
CA ASP B 306 -13.62 6.69 10.70
C ASP B 306 -13.45 6.75 9.18
N PHE B 307 -12.23 6.63 8.69
CA PHE B 307 -11.83 6.45 7.31
C PHE B 307 -11.89 7.75 6.51
N ASN B 308 -12.09 8.90 7.15
CA ASN B 308 -12.16 10.21 6.52
C ASN B 308 -11.47 11.28 7.36
N CYS B 309 -10.71 12.16 6.69
CA CYS B 309 -10.06 13.32 7.32
C CYS B 309 -10.98 14.53 7.30
N ASN B 310 -11.01 15.29 8.40
CA ASN B 310 -11.90 16.44 8.55
C ASN B 310 -11.07 17.74 8.61
N VAL B 311 -11.49 18.76 7.84
CA VAL B 311 -10.85 20.07 7.75
C VAL B 311 -11.55 21.01 8.74
N TRP B 312 -10.83 21.39 9.81
CA TRP B 312 -11.28 22.27 10.89
C TRP B 312 -10.73 23.70 10.70
N ASP B 313 -11.60 24.70 10.84
CA ASP B 313 -11.21 26.11 10.89
C ASP B 313 -10.45 26.38 12.19
N ALA B 314 -9.19 26.77 12.08
CA ALA B 314 -8.28 26.92 13.22
C ALA B 314 -8.71 28.01 14.20
N LEU B 315 -9.57 28.92 13.76
CA LEU B 315 -10.02 30.06 14.53
C LEU B 315 -11.53 30.03 14.87
N LYS B 316 -12.28 29.08 14.31
CA LYS B 316 -13.70 28.92 14.54
C LYS B 316 -14.08 27.57 15.14
N ALA B 317 -13.26 26.55 14.94
CA ALA B 317 -13.52 25.17 15.36
C ALA B 317 -14.75 24.57 14.69
N ASP B 318 -15.12 25.10 13.53
CA ASP B 318 -16.22 24.64 12.70
C ASP B 318 -15.67 23.72 11.62
N ARG B 319 -16.26 22.52 11.49
CA ARG B 319 -15.81 21.50 10.54
C ARG B 319 -16.13 21.97 9.13
N ALA B 320 -15.13 22.59 8.49
CA ALA B 320 -15.29 23.25 7.19
C ALA B 320 -15.59 22.26 6.07
N GLY B 321 -14.81 21.18 6.00
CA GLY B 321 -14.99 20.15 4.98
C GLY B 321 -14.56 18.77 5.46
N VAL B 322 -14.87 17.73 4.69
CA VAL B 322 -14.54 16.32 4.98
C VAL B 322 -13.92 15.68 3.72
N LEU B 323 -12.74 15.09 3.86
CA LEU B 323 -11.98 14.37 2.82
C LEU B 323 -12.23 12.86 3.00
N ALA B 324 -13.24 12.34 2.30
CA ALA B 324 -13.68 10.96 2.37
C ALA B 324 -13.41 10.25 1.03
N GLY B 325 -13.13 8.95 1.09
CA GLY B 325 -12.75 8.10 -0.03
C GLY B 325 -11.88 6.89 0.31
N HIS B 326 -11.08 6.98 1.38
CA HIS B 326 -10.30 5.85 1.90
C HIS B 326 -11.22 4.79 2.49
N ASP B 327 -10.86 3.52 2.28
CA ASP B 327 -11.65 2.36 2.73
C ASP B 327 -11.30 1.90 4.14
N ASN B 328 -10.16 2.31 4.68
CA ASN B 328 -9.63 1.95 5.98
C ASN B 328 -9.11 3.22 6.69
N ARG B 329 -8.61 3.05 7.92
CA ARG B 329 -8.11 4.16 8.76
C ARG B 329 -7.04 4.98 8.05
N VAL B 330 -7.20 6.31 8.06
CA VAL B 330 -6.20 7.28 7.57
C VAL B 330 -5.12 7.38 8.63
N SER B 331 -3.97 6.75 8.38
CA SER B 331 -2.87 6.65 9.34
C SER B 331 -2.03 7.93 9.41
N CYS B 332 -1.77 8.56 8.26
CA CYS B 332 -0.94 9.77 8.14
C CYS B 332 -1.50 10.69 7.05
N LEU B 333 -1.22 11.98 7.16
CA LEU B 333 -1.45 12.98 6.12
C LEU B 333 -0.37 14.07 6.20
N GLY B 334 -0.01 14.67 5.06
CA GLY B 334 0.99 15.72 4.94
C GLY B 334 0.56 16.86 4.03
N VAL B 335 0.94 18.10 4.37
CA VAL B 335 0.71 19.32 3.57
C VAL B 335 2.06 19.80 3.05
N THR B 336 2.12 20.15 1.76
CA THR B 336 3.33 20.59 1.08
C THR B 336 3.83 21.94 1.63
N ASP B 337 5.13 22.23 1.41
CA ASP B 337 5.74 23.48 1.91
C ASP B 337 5.10 24.71 1.25
N ASP B 338 4.77 24.62 -0.04
CA ASP B 338 4.05 25.66 -0.79
C ASP B 338 2.54 25.60 -0.58
N GLY B 339 2.08 24.60 0.14
CA GLY B 339 0.69 24.42 0.52
C GLY B 339 -0.25 24.33 -0.66
N MET B 340 0.16 23.63 -1.70
CA MET B 340 -0.58 23.49 -2.96
C MET B 340 -1.58 22.35 -2.93
N ALA B 341 -1.23 21.25 -2.27
CA ALA B 341 -2.03 20.04 -2.16
C ALA B 341 -1.85 19.40 -0.75
N VAL B 342 -2.70 18.42 -0.43
CA VAL B 342 -2.67 17.62 0.80
C VAL B 342 -2.75 16.14 0.42
N ALA B 343 -1.82 15.33 0.90
CA ALA B 343 -1.79 13.88 0.64
C ALA B 343 -2.05 13.11 1.94
N THR B 344 -2.98 12.16 1.92
CA THR B 344 -3.39 11.36 3.08
C THR B 344 -3.15 9.87 2.79
N GLY B 345 -2.37 9.22 3.64
CA GLY B 345 -2.10 7.79 3.56
C GLY B 345 -2.90 6.98 4.59
N SER B 346 -3.51 5.91 4.11
CA SER B 346 -4.44 5.06 4.86
C SER B 346 -3.98 3.60 4.84
N TRP B 347 -4.65 2.76 5.66
CA TRP B 347 -4.33 1.33 5.83
C TRP B 347 -4.83 0.45 4.68
N ASP B 348 -5.56 1.02 3.73
CA ASP B 348 -6.05 0.34 2.54
C ASP B 348 -5.01 0.26 1.42
N SER B 349 -3.75 0.53 1.75
CA SER B 349 -2.61 0.48 0.85
C SER B 349 -2.73 1.45 -0.32
N PHE B 350 -3.35 2.60 -0.08
CA PHE B 350 -3.54 3.69 -1.04
C PHE B 350 -3.13 5.02 -0.40
N LEU B 351 -2.54 5.91 -1.21
CA LEU B 351 -2.00 7.21 -0.80
C LEU B 351 -2.54 8.30 -1.74
N LYS B 352 -3.72 8.85 -1.39
CA LYS B 352 -4.44 9.78 -2.25
C LYS B 352 -3.94 11.22 -2.01
N ILE B 353 -3.92 12.04 -3.07
CA ILE B 353 -3.52 13.46 -3.01
C ILE B 353 -4.77 14.33 -3.30
N TRP B 354 -5.05 15.30 -2.44
CA TRP B 354 -6.22 16.15 -2.42
C TRP B 354 -5.82 17.60 -2.67
N ASN B 355 -6.70 18.34 -3.37
CA ASN B 355 -6.46 19.79 -3.69
C ASN B 355 -7.80 20.46 -4.05
N ALA C 7 13.05 7.00 40.28
CA ALA C 7 14.18 7.19 41.15
C ALA C 7 13.80 7.81 42.52
N SER C 8 12.54 7.62 42.90
CA SER C 8 11.98 8.02 44.19
C SER C 8 12.23 9.48 44.55
N ILE C 9 13.27 9.75 45.37
CA ILE C 9 13.61 11.12 45.80
C ILE C 9 14.36 11.86 44.70
N ALA C 10 15.22 11.15 43.97
CA ALA C 10 16.02 11.73 42.88
C ALA C 10 15.13 12.22 41.72
N GLN C 11 14.09 11.45 41.40
CA GLN C 11 13.12 11.85 40.37
C GLN C 11 12.19 12.94 40.89
N ALA C 12 11.96 12.97 42.20
CA ALA C 12 11.18 14.02 42.87
C ALA C 12 11.90 15.37 42.83
N ARG C 13 13.23 15.35 43.00
CA ARG C 13 14.06 16.55 42.84
C ARG C 13 14.18 16.98 41.38
N LYS C 14 14.14 16.00 40.45
CA LYS C 14 14.17 16.29 39.02
C LYS C 14 12.89 16.98 38.53
N LEU C 15 11.73 16.48 38.95
CA LEU C 15 10.43 17.01 38.50
C LEU C 15 10.08 18.35 39.16
N VAL C 16 10.50 18.58 40.42
CA VAL C 16 10.29 19.89 41.05
C VAL C 16 11.19 20.96 40.42
N GLU C 17 12.46 20.62 40.15
CA GLU C 17 13.35 21.54 39.43
C GLU C 17 12.83 21.87 38.03
N GLN C 18 12.25 20.85 37.38
CA GLN C 18 11.61 21.02 36.06
C GLN C 18 10.41 21.97 36.13
N LEU C 19 9.57 21.80 37.16
CA LEU C 19 8.38 22.63 37.36
C LEU C 19 8.72 24.05 37.82
N LYS C 20 9.76 24.19 38.64
CA LYS C 20 10.26 25.49 39.09
C LYS C 20 10.75 26.32 37.91
N MET C 21 11.56 25.71 37.03
CA MET C 21 12.04 26.34 35.80
C MET C 21 10.89 26.64 34.82
N GLU C 22 9.92 25.73 34.75
CA GLU C 22 8.71 25.92 33.93
C GLU C 22 7.92 27.15 34.38
N ALA C 23 7.77 27.31 35.69
CA ALA C 23 7.03 28.41 36.30
C ALA C 23 7.73 29.76 36.11
N ASN C 24 9.05 29.77 36.06
CA ASN C 24 9.88 30.97 35.90
C ASN C 24 10.04 31.32 34.41
N ILE C 25 8.92 31.70 33.79
CA ILE C 25 8.86 32.18 32.40
C ILE C 25 7.85 33.35 32.32
N ASP C 26 8.08 34.28 31.37
CA ASP C 26 7.21 35.44 31.12
C ASP C 26 6.17 35.06 30.06
N ARG C 27 4.89 35.24 30.38
CA ARG C 27 3.76 34.80 29.56
C ARG C 27 2.93 36.01 29.09
N ILE C 28 2.41 35.93 27.85
CA ILE C 28 1.71 37.02 27.16
C ILE C 28 0.19 36.80 27.27
N LYS C 29 -0.59 37.87 27.13
CA LYS C 29 -2.06 37.83 27.24
C LYS C 29 -2.67 36.97 26.13
N VAL C 30 -3.74 36.22 26.47
CA VAL C 30 -4.46 35.39 25.49
C VAL C 30 -5.04 36.26 24.38
N SER C 31 -5.45 37.47 24.74
CA SER C 31 -5.94 38.48 23.79
C SER C 31 -4.85 38.86 22.78
N LYS C 32 -3.63 39.08 23.27
CA LYS C 32 -2.46 39.40 22.41
C LYS C 32 -2.04 38.20 21.57
N ALA C 33 -2.04 37.02 22.18
CA ALA C 33 -1.70 35.76 21.48
C ALA C 33 -2.67 35.47 20.33
N ALA C 34 -3.97 35.50 20.65
CA ALA C 34 -5.03 35.27 19.67
C ALA C 34 -5.03 36.32 18.57
N ALA C 35 -4.72 37.58 18.93
CA ALA C 35 -4.58 38.66 17.97
C ALA C 35 -3.43 38.42 16.99
N ASP C 36 -2.31 37.90 17.49
CA ASP C 36 -1.15 37.53 16.65
C ASP C 36 -1.47 36.35 15.72
N LEU C 37 -2.15 35.33 16.26
CA LEU C 37 -2.61 34.18 15.49
C LEU C 37 -3.57 34.59 14.36
N MET C 38 -4.52 35.48 14.70
CA MET C 38 -5.45 36.06 13.73
C MET C 38 -4.72 36.89 12.67
N ALA C 39 -3.78 37.72 13.13
CA ALA C 39 -3.02 38.63 12.26
C ALA C 39 -2.16 37.86 11.26
N TYR C 40 -1.57 36.74 11.70
CA TYR C 40 -0.79 35.86 10.82
C TYR C 40 -1.69 35.12 9.83
N CYS C 41 -2.82 34.60 10.31
CA CYS C 41 -3.80 33.89 9.47
C CYS C 41 -4.29 34.76 8.31
N GLU C 42 -4.70 35.99 8.61
CA GLU C 42 -5.27 36.90 7.61
C GLU C 42 -4.20 37.50 6.69
N ALA C 43 -2.99 37.72 7.22
CA ALA C 43 -1.88 38.29 6.43
C ALA C 43 -1.37 37.33 5.34
N HIS C 44 -1.22 36.05 5.67
CA HIS C 44 -0.72 35.01 4.79
C HIS C 44 -1.83 34.24 4.09
N ALA C 45 -3.08 34.65 4.28
CA ALA C 45 -4.24 34.01 3.68
C ALA C 45 -4.26 34.11 2.16
N LYS C 46 -3.64 35.16 1.62
CA LYS C 46 -3.66 35.47 0.18
C LYS C 46 -2.99 34.36 -0.65
N GLU C 47 -1.87 33.86 -0.18
CA GLU C 47 -1.08 32.81 -0.86
C GLU C 47 -1.26 31.43 -0.22
N ASP C 48 -2.50 31.10 0.16
CA ASP C 48 -2.91 29.82 0.77
C ASP C 48 -3.89 29.12 -0.18
N PRO C 49 -3.39 28.22 -1.04
CA PRO C 49 -4.26 27.50 -2.00
C PRO C 49 -5.37 26.66 -1.37
N LEU C 50 -5.22 26.29 -0.09
CA LEU C 50 -6.25 25.47 0.59
C LEU C 50 -7.49 26.29 0.94
N LEU C 51 -7.30 27.55 1.31
CA LEU C 51 -8.39 28.43 1.72
C LEU C 51 -9.40 28.65 0.59
N THR C 52 -8.93 29.06 -0.60
CA THR C 52 -9.72 29.29 -1.78
C THR C 52 -9.28 28.39 -2.94
N PRO C 53 -10.22 27.79 -3.70
CA PRO C 53 -9.84 26.96 -4.84
C PRO C 53 -9.00 27.76 -5.85
N VAL C 54 -7.71 27.42 -5.98
CA VAL C 54 -6.78 28.10 -6.89
C VAL C 54 -7.20 27.84 -8.33
N PRO C 55 -7.14 28.84 -9.22
CA PRO C 55 -7.46 28.61 -10.64
C PRO C 55 -6.61 27.49 -11.23
N ALA C 56 -7.23 26.71 -12.13
CA ALA C 56 -6.61 25.52 -12.72
C ALA C 56 -5.34 25.86 -13.51
N SER C 57 -5.25 27.09 -14.01
CA SER C 57 -4.11 27.56 -14.80
C SER C 57 -2.78 27.44 -14.03
N GLU C 58 -2.78 27.75 -12.74
CA GLU C 58 -1.60 27.67 -11.87
C GLU C 58 -1.77 26.59 -10.78
N ASN C 59 -2.38 25.46 -11.14
CA ASN C 59 -2.57 24.28 -10.27
C ASN C 59 -1.79 23.10 -10.85
N PRO C 60 -0.62 22.76 -10.29
CA PRO C 60 0.17 21.66 -10.84
C PRO C 60 -0.52 20.31 -10.82
N PHE C 61 -1.25 20.00 -9.74
CA PHE C 61 -2.08 18.81 -9.61
C PHE C 61 -3.39 19.03 -10.38
N ARG C 62 -3.53 18.41 -11.55
CA ARG C 62 -4.60 18.64 -12.52
C ARG C 62 -4.71 17.41 -13.45
N GLU C 63 -5.70 17.44 -14.34
CA GLU C 63 -5.89 16.42 -15.39
C GLU C 63 -4.65 16.28 -16.28
N VAL D 3 33.47 3.03 -9.31
CA VAL D 3 32.70 3.25 -10.51
C VAL D 3 33.63 3.44 -11.71
N GLN D 4 33.53 2.56 -12.72
CA GLN D 4 34.31 2.62 -13.95
C GLN D 4 33.65 1.77 -15.04
N LEU D 5 33.89 2.16 -16.30
CA LEU D 5 33.46 1.45 -17.51
C LEU D 5 34.69 1.17 -18.39
N VAL D 6 34.89 -0.10 -18.78
CA VAL D 6 36.04 -0.53 -19.60
C VAL D 6 35.52 -1.19 -20.89
N GLU D 7 35.65 -0.50 -22.03
CA GLU D 7 35.27 -1.01 -23.35
C GLU D 7 36.41 -1.83 -23.96
N SER D 8 36.05 -2.84 -24.77
CA SER D 8 36.98 -3.75 -25.43
C SER D 8 36.52 -3.99 -26.88
N GLY D 9 37.50 -4.32 -27.75
CA GLY D 9 37.30 -4.50 -29.19
C GLY D 9 37.64 -3.25 -29.99
N GLY D 10 38.29 -3.41 -31.15
CA GLY D 10 38.67 -2.33 -32.05
C GLY D 10 39.69 -2.77 -33.09
N GLY D 11 40.79 -2.02 -33.25
CA GLY D 11 41.88 -2.31 -34.17
C GLY D 11 41.46 -2.05 -35.63
N LEU D 12 42.23 -2.67 -36.54
CA LEU D 12 41.98 -2.61 -37.98
C LEU D 12 40.89 -3.60 -38.37
N VAL D 13 39.85 -3.11 -39.08
CA VAL D 13 38.73 -3.92 -39.55
C VAL D 13 38.53 -3.67 -41.06
N GLN D 14 38.26 -4.76 -41.85
CA GLN D 14 37.97 -4.64 -43.28
C GLN D 14 36.54 -4.13 -43.48
N PRO D 15 36.31 -3.30 -44.51
CA PRO D 15 34.96 -2.72 -44.71
C PRO D 15 33.82 -3.74 -44.74
N GLY D 16 34.06 -4.90 -45.36
CA GLY D 16 33.08 -5.96 -45.48
C GLY D 16 32.88 -6.83 -44.26
N GLY D 17 33.79 -6.70 -43.25
CA GLY D 17 33.75 -7.50 -42.05
C GLY D 17 32.75 -6.99 -41.03
N SER D 18 32.60 -7.73 -39.92
CA SER D 18 31.72 -7.44 -38.79
C SER D 18 32.53 -7.37 -37.49
N ARG D 19 32.00 -6.70 -36.47
CA ARG D 19 32.63 -6.46 -35.17
C ARG D 19 31.60 -6.57 -34.04
N LYS D 20 32.08 -6.62 -32.78
CA LYS D 20 31.26 -6.73 -31.55
C LYS D 20 32.02 -6.07 -30.39
N LEU D 21 31.69 -4.80 -30.13
CA LEU D 21 32.32 -4.02 -29.04
C LEU D 21 31.66 -4.33 -27.70
N SER D 22 32.43 -4.77 -26.71
CA SER D 22 31.92 -5.16 -25.38
C SER D 22 32.47 -4.22 -24.31
N CYS D 23 31.60 -3.67 -23.46
CA CYS D 23 31.92 -2.75 -22.37
C CYS D 23 31.56 -3.37 -21.01
N SER D 24 32.56 -3.55 -20.15
CA SER D 24 32.42 -4.16 -18.83
C SER D 24 32.22 -3.07 -17.77
N ALA D 25 31.04 -3.09 -17.13
CA ALA D 25 30.65 -2.14 -16.09
C ALA D 25 30.88 -2.74 -14.70
N SER D 26 31.58 -1.98 -13.83
CA SER D 26 31.89 -2.43 -12.47
C SER D 26 31.93 -1.21 -11.52
N GLY D 27 31.55 -1.44 -10.25
CA GLY D 27 31.55 -0.43 -9.21
C GLY D 27 30.23 0.27 -8.95
N PHE D 28 29.17 -0.08 -9.68
CA PHE D 28 27.85 0.49 -9.57
C PHE D 28 26.81 -0.54 -10.05
N ALA D 29 25.53 -0.25 -9.75
CA ALA D 29 24.37 -1.10 -10.10
C ALA D 29 24.02 -0.92 -11.58
N PHE D 30 24.74 -1.66 -12.43
CA PHE D 30 24.61 -1.60 -13.90
C PHE D 30 23.19 -1.96 -14.36
N SER D 31 22.53 -2.85 -13.63
CA SER D 31 21.22 -3.40 -14.00
C SER D 31 20.13 -2.32 -14.14
N SER D 32 20.21 -1.27 -13.33
CA SER D 32 19.20 -0.21 -13.26
C SER D 32 19.57 1.04 -14.07
N PHE D 33 20.70 1.03 -14.77
CA PHE D 33 21.20 2.14 -15.58
C PHE D 33 20.97 1.87 -17.08
N GLY D 34 20.27 2.77 -17.74
CA GLY D 34 20.21 2.75 -19.19
C GLY D 34 21.55 3.22 -19.81
N MET D 35 21.99 2.55 -20.85
CA MET D 35 23.34 2.71 -21.42
C MET D 35 23.25 3.19 -22.88
N HIS D 36 23.99 4.27 -23.19
CA HIS D 36 24.09 4.85 -24.52
C HIS D 36 25.47 4.58 -25.13
N TRP D 37 25.55 4.50 -26.46
CA TRP D 37 26.79 4.46 -27.23
C TRP D 37 26.92 5.78 -28.00
N VAL D 38 28.02 6.51 -27.74
CA VAL D 38 28.38 7.80 -28.35
C VAL D 38 29.76 7.66 -29.00
N ARG D 39 29.86 7.88 -30.30
CA ARG D 39 31.11 7.76 -31.05
C ARG D 39 31.62 9.13 -31.47
N GLN D 40 32.96 9.27 -31.55
CA GLN D 40 33.63 10.51 -31.94
C GLN D 40 34.72 10.24 -33.00
N ALA D 41 34.46 10.62 -34.25
CA ALA D 41 35.42 10.47 -35.34
C ALA D 41 36.61 11.42 -35.15
N PRO D 42 37.82 11.04 -35.60
CA PRO D 42 38.99 11.92 -35.44
C PRO D 42 38.78 13.28 -36.11
N GLU D 43 39.10 14.35 -35.37
CA GLU D 43 38.90 15.73 -35.83
C GLU D 43 37.43 16.05 -36.12
N LYS D 44 36.55 15.57 -35.25
CA LYS D 44 35.10 15.69 -35.35
C LYS D 44 34.48 15.61 -33.93
N GLY D 45 33.36 16.31 -33.72
CA GLY D 45 32.65 16.32 -32.44
C GLY D 45 31.96 14.98 -32.15
N LEU D 46 31.21 14.94 -31.04
CA LEU D 46 30.47 13.75 -30.62
C LEU D 46 29.25 13.51 -31.51
N GLU D 47 28.80 12.25 -31.58
CA GLU D 47 27.63 11.82 -32.36
C GLU D 47 26.98 10.61 -31.71
N TRP D 48 25.70 10.71 -31.34
CA TRP D 48 24.94 9.61 -30.73
C TRP D 48 24.73 8.46 -31.71
N VAL D 49 24.95 7.22 -31.25
CA VAL D 49 24.91 6.01 -32.07
C VAL D 49 23.69 5.16 -31.73
N ALA D 50 23.64 4.65 -30.48
CA ALA D 50 22.58 3.74 -30.04
C ALA D 50 22.32 3.92 -28.54
N TYR D 51 21.19 3.38 -28.04
CA TYR D 51 20.78 3.42 -26.63
C TYR D 51 19.92 2.19 -26.29
N ILE D 52 20.17 1.60 -25.10
CA ILE D 52 19.38 0.49 -24.54
C ILE D 52 19.06 0.81 -23.07
N SER D 53 17.79 0.74 -22.69
CA SER D 53 17.28 1.07 -21.37
C SER D 53 17.52 -0.09 -20.38
N SER D 54 17.19 0.14 -19.11
CA SER D 54 17.35 -0.85 -18.03
C SER D 54 16.33 -1.98 -18.20
N GLY D 55 16.81 -3.20 -18.45
CA GLY D 55 16.01 -4.38 -18.73
C GLY D 55 15.86 -4.71 -20.20
N SER D 56 16.47 -3.91 -21.07
CA SER D 56 16.42 -4.05 -22.52
C SER D 56 15.01 -3.89 -23.07
N GLY D 57 14.22 -3.09 -22.38
CA GLY D 57 12.83 -2.90 -22.77
C GLY D 57 12.65 -2.00 -23.99
N THR D 58 13.43 -0.93 -24.10
CA THR D 58 13.43 0.04 -25.20
C THR D 58 14.84 0.15 -25.80
N ILE D 59 14.93 0.11 -27.13
CA ILE D 59 16.16 0.27 -27.90
C ILE D 59 15.93 1.28 -29.03
N TYR D 60 16.79 2.30 -29.12
CA TYR D 60 16.77 3.31 -30.19
C TYR D 60 18.13 3.37 -30.89
N TYR D 61 18.12 3.58 -32.21
CA TYR D 61 19.32 3.72 -33.05
C TYR D 61 19.27 5.03 -33.84
N ALA D 62 20.44 5.57 -34.17
CA ALA D 62 20.57 6.70 -35.08
C ALA D 62 20.23 6.28 -36.52
N ASP D 63 19.74 7.23 -37.32
CA ASP D 63 19.28 6.95 -38.69
C ASP D 63 20.39 6.42 -39.59
N THR D 64 21.65 6.70 -39.25
CA THR D 64 22.80 6.30 -40.03
C THR D 64 23.30 4.89 -39.73
N VAL D 65 22.90 4.31 -38.60
CA VAL D 65 23.31 2.97 -38.16
C VAL D 65 22.11 2.07 -37.84
N LYS D 66 20.94 2.39 -38.37
CA LYS D 66 19.72 1.59 -38.17
C LYS D 66 19.80 0.30 -38.99
N GLY D 67 19.70 -0.84 -38.32
CA GLY D 67 19.77 -2.16 -38.92
C GLY D 67 21.17 -2.77 -38.94
N ARG D 68 22.15 -1.91 -39.26
CA ARG D 68 23.56 -2.32 -39.34
C ARG D 68 24.11 -2.74 -37.97
N PHE D 69 23.87 -1.95 -36.93
CA PHE D 69 24.31 -2.20 -35.56
C PHE D 69 23.20 -2.86 -34.75
N THR D 70 23.59 -3.66 -33.74
CA THR D 70 22.68 -4.37 -32.80
C THR D 70 23.26 -4.27 -31.39
N ILE D 71 22.71 -3.34 -30.56
CA ILE D 71 23.09 -3.17 -29.16
C ILE D 71 22.40 -4.23 -28.30
N SER D 72 23.08 -4.69 -27.25
CA SER D 72 22.58 -5.66 -26.27
C SER D 72 23.37 -5.54 -24.96
N ARG D 73 22.80 -6.01 -23.85
CA ARG D 73 23.40 -5.96 -22.51
C ARG D 73 23.27 -7.32 -21.82
N ASP D 74 24.20 -7.66 -20.92
CA ASP D 74 24.25 -8.88 -20.11
C ASP D 74 24.25 -8.47 -18.64
N ASP D 75 23.04 -8.50 -18.03
CA ASP D 75 22.83 -8.09 -16.64
C ASP D 75 23.62 -8.91 -15.63
N PRO D 76 23.64 -10.24 -15.71
CA PRO D 76 24.36 -11.05 -14.71
C PRO D 76 25.83 -10.68 -14.50
N LYS D 77 26.58 -10.52 -15.59
CA LYS D 77 28.01 -10.22 -15.57
C LYS D 77 28.31 -8.73 -15.75
N ASN D 78 27.26 -7.92 -15.91
CA ASN D 78 27.36 -6.47 -16.10
C ASN D 78 28.24 -6.10 -17.30
N THR D 79 27.79 -6.50 -18.49
CA THR D 79 28.50 -6.26 -19.75
C THR D 79 27.54 -5.74 -20.83
N LEU D 80 27.93 -4.71 -21.55
CA LEU D 80 27.16 -4.09 -22.65
C LEU D 80 27.85 -4.41 -23.98
N PHE D 81 27.11 -4.90 -24.96
CA PHE D 81 27.58 -5.32 -26.28
C PHE D 81 26.99 -4.44 -27.39
N LEU D 82 27.77 -4.18 -28.44
CA LEU D 82 27.39 -3.45 -29.65
C LEU D 82 27.84 -4.25 -30.88
N GLN D 83 26.97 -5.13 -31.41
CA GLN D 83 27.23 -6.00 -32.55
C GLN D 83 27.12 -5.18 -33.85
N MET D 84 28.26 -4.82 -34.43
CA MET D 84 28.38 -4.07 -35.69
C MET D 84 28.48 -5.06 -36.84
N THR D 85 27.38 -5.22 -37.58
CA THR D 85 27.29 -6.24 -38.65
C THR D 85 27.98 -5.77 -39.93
N SER D 86 27.49 -4.70 -40.54
CA SER D 86 28.07 -4.07 -41.73
C SER D 86 28.90 -2.84 -41.33
N LEU D 87 30.10 -2.73 -41.87
CA LEU D 87 31.04 -1.65 -41.63
C LEU D 87 31.22 -0.81 -42.91
N ARG D 88 31.62 0.46 -42.73
CA ARG D 88 31.90 1.41 -43.82
C ARG D 88 33.13 2.25 -43.43
N SER D 89 33.56 3.16 -44.33
CA SER D 89 34.74 4.00 -44.12
C SER D 89 34.49 5.18 -43.18
N GLU D 90 33.23 5.54 -42.95
CA GLU D 90 32.83 6.63 -42.06
C GLU D 90 32.41 6.15 -40.68
N ASP D 91 32.48 4.83 -40.43
CA ASP D 91 32.16 4.23 -39.14
C ASP D 91 33.33 4.31 -38.16
N THR D 92 34.54 4.63 -38.63
CA THR D 92 35.70 4.84 -37.78
C THR D 92 35.47 5.99 -36.81
N ALA D 93 35.71 5.73 -35.52
CA ALA D 93 35.44 6.68 -34.41
C ALA D 93 35.90 6.05 -33.08
N MET D 94 35.98 6.90 -32.04
CA MET D 94 36.21 6.52 -30.63
C MET D 94 34.86 6.28 -29.96
N TYR D 95 34.47 4.99 -29.89
CA TYR D 95 33.14 4.61 -29.39
C TYR D 95 33.15 4.60 -27.85
N TYR D 96 32.44 5.57 -27.23
CA TYR D 96 32.27 5.73 -25.79
C TYR D 96 30.97 5.07 -25.33
N CYS D 97 31.04 4.38 -24.18
CA CYS D 97 29.88 3.82 -23.48
C CYS D 97 29.54 4.71 -22.27
N VAL D 98 28.31 5.23 -22.23
CA VAL D 98 27.87 6.25 -21.26
C VAL D 98 26.74 5.69 -20.40
N ARG D 99 26.83 5.89 -19.06
CA ARG D 99 25.72 5.61 -18.14
C ARG D 99 24.61 6.64 -18.30
N SER D 100 23.38 6.26 -17.98
CA SER D 100 22.21 7.17 -18.05
C SER D 100 21.06 6.62 -17.22
N ILE D 101 20.78 7.25 -16.07
CA ILE D 101 19.71 6.90 -15.14
C ILE D 101 18.61 7.95 -15.25
N TYR D 102 17.36 7.50 -15.43
CA TYR D 102 16.20 8.34 -15.76
C TYR D 102 15.10 8.24 -14.68
N TYR D 103 15.09 9.20 -13.76
CA TYR D 103 14.00 9.49 -12.82
C TYR D 103 13.98 11.00 -12.55
N TYR D 104 12.98 11.48 -11.79
CA TYR D 104 12.82 12.91 -11.49
C TYR D 104 13.96 13.39 -10.59
N GLY D 105 14.78 14.31 -11.11
CA GLY D 105 15.95 14.84 -10.42
C GLY D 105 17.25 14.13 -10.72
N SER D 106 17.23 13.11 -11.57
CA SER D 106 18.39 12.35 -11.99
C SER D 106 19.22 13.17 -12.98
N SER D 107 20.50 12.79 -13.11
CA SER D 107 21.48 13.43 -14.01
C SER D 107 22.03 12.39 -14.98
N PRO D 108 21.35 12.13 -16.09
CA PRO D 108 21.84 11.15 -17.08
C PRO D 108 23.07 11.69 -17.82
N PHE D 109 23.84 10.75 -18.39
CA PHE D 109 25.13 11.05 -19.04
C PHE D 109 26.17 11.61 -18.05
N ASP D 110 26.07 11.18 -16.79
CA ASP D 110 26.93 11.71 -15.72
C ASP D 110 28.36 11.15 -15.81
N PHE D 111 28.50 9.85 -16.05
CA PHE D 111 29.78 9.15 -16.18
C PHE D 111 29.92 8.53 -17.57
N TRP D 112 31.11 8.64 -18.16
CA TRP D 112 31.48 8.13 -19.47
C TRP D 112 32.60 7.11 -19.33
N GLY D 113 32.65 6.11 -20.29
CA GLY D 113 33.75 5.17 -20.34
C GLY D 113 34.99 5.74 -21.02
N GLN D 114 36.08 4.95 -21.02
CA GLN D 114 37.34 5.39 -21.66
C GLN D 114 37.23 5.40 -23.19
N GLY D 115 36.54 4.43 -23.76
CA GLY D 115 36.30 4.29 -25.17
C GLY D 115 37.42 3.54 -25.89
N THR D 116 37.07 2.95 -27.04
CA THR D 116 38.03 2.17 -27.85
C THR D 116 38.11 2.71 -29.29
N THR D 117 39.34 2.85 -29.82
CA THR D 117 39.62 3.39 -31.17
C THR D 117 39.35 2.30 -32.21
N LEU D 118 38.25 2.45 -32.95
CA LEU D 118 37.89 1.55 -34.05
C LEU D 118 38.19 2.26 -35.38
N THR D 119 39.00 1.58 -36.26
CA THR D 119 39.35 2.15 -37.57
C THR D 119 39.05 1.12 -38.68
N VAL D 120 38.61 1.62 -39.84
CA VAL D 120 38.21 0.80 -41.00
C VAL D 120 38.99 1.26 -42.23
N SER D 121 39.62 0.32 -42.93
CA SER D 121 40.42 0.58 -44.14
C SER D 121 39.54 0.55 -45.38
N SER D 137 12.92 17.09 -39.15
CA SER D 137 13.56 15.80 -39.11
C SER D 137 14.21 15.53 -37.74
N ASP D 138 15.37 16.14 -37.48
CA ASP D 138 16.10 16.07 -36.21
C ASP D 138 16.38 17.50 -35.71
N ILE D 139 16.56 17.64 -34.40
CA ILE D 139 16.84 18.93 -33.76
C ILE D 139 18.28 19.34 -34.09
N VAL D 140 18.46 20.30 -35.00
CA VAL D 140 19.77 20.71 -35.52
C VAL D 140 20.42 21.64 -34.49
N MET D 141 21.14 21.04 -33.53
CA MET D 141 21.89 21.76 -32.50
C MET D 141 23.16 22.35 -33.11
N THR D 142 23.33 23.67 -32.98
CA THR D 142 24.45 24.42 -33.54
C THR D 142 25.04 25.35 -32.47
N GLN D 143 26.30 25.73 -32.66
CA GLN D 143 27.03 26.67 -31.80
C GLN D 143 27.52 27.91 -32.56
N ALA D 144 28.15 27.69 -33.70
CA ALA D 144 28.68 28.75 -34.56
C ALA D 144 29.76 29.58 -33.84
N THR D 145 30.50 28.90 -32.98
CA THR D 145 31.56 29.47 -32.15
C THR D 145 32.95 28.98 -32.52
N SER D 146 33.13 27.66 -32.66
CA SER D 146 34.38 26.96 -33.06
C SER D 146 35.43 27.20 -31.97
N SER D 147 36.62 27.69 -32.32
CA SER D 147 37.70 27.95 -31.37
C SER D 147 37.54 29.35 -30.77
N VAL D 148 37.71 29.45 -29.46
CA VAL D 148 37.59 30.68 -28.67
C VAL D 148 38.82 30.85 -27.78
N PRO D 149 39.79 31.72 -28.14
CA PRO D 149 41.01 31.89 -27.33
C PRO D 149 40.73 32.79 -26.11
N VAL D 150 40.90 32.23 -24.91
CA VAL D 150 40.66 32.92 -23.63
C VAL D 150 41.86 32.66 -22.72
N THR D 151 42.34 33.76 -22.00
CA THR D 151 43.39 33.67 -20.99
C THR D 151 42.77 33.36 -19.61
N PRO D 152 43.48 32.65 -18.72
CA PRO D 152 42.92 32.30 -17.41
C PRO D 152 42.69 33.56 -16.55
N GLY D 153 41.57 33.57 -15.84
CA GLY D 153 41.18 34.57 -14.86
C GLY D 153 39.83 35.25 -15.07
N GLU D 154 39.54 35.72 -16.30
CA GLU D 154 38.31 36.44 -16.63
C GLU D 154 37.18 35.44 -16.93
N SER D 155 35.97 35.96 -17.08
CA SER D 155 34.76 35.17 -17.36
C SER D 155 34.71 34.72 -18.83
N VAL D 156 33.99 33.63 -19.09
CA VAL D 156 33.82 33.02 -20.42
C VAL D 156 32.33 32.80 -20.68
N SER D 157 31.89 33.07 -21.91
CA SER D 157 30.49 32.90 -22.36
C SER D 157 30.46 32.07 -23.65
N ILE D 158 29.85 30.89 -23.60
CA ILE D 158 29.72 29.93 -24.70
C ILE D 158 28.24 29.86 -25.11
N SER D 159 27.94 30.17 -26.37
CA SER D 159 26.58 30.24 -26.90
C SER D 159 26.26 29.02 -27.78
N CYS D 160 25.12 28.36 -27.52
CA CYS D 160 24.58 27.27 -28.32
C CYS D 160 23.12 27.56 -28.68
N ARG D 161 22.71 27.19 -29.91
CA ARG D 161 21.39 27.45 -30.45
C ARG D 161 20.77 26.16 -31.00
N SER D 162 19.43 26.08 -30.98
CA SER D 162 18.66 24.93 -31.45
C SER D 162 17.62 25.37 -32.49
N SER D 163 17.40 24.51 -33.50
CA SER D 163 16.40 24.76 -34.55
C SER D 163 14.96 24.58 -34.08
N LYS D 164 14.77 23.86 -32.97
CA LYS D 164 13.49 23.63 -32.31
C LYS D 164 13.61 23.99 -30.82
N SER D 165 12.52 24.52 -30.25
CA SER D 165 12.46 24.92 -28.83
C SER D 165 12.48 23.68 -27.92
N LEU D 166 13.42 23.64 -26.99
CA LEU D 166 13.64 22.52 -26.07
C LEU D 166 12.81 22.64 -24.78
N LEU D 167 12.21 23.79 -24.54
CA LEU D 167 11.34 24.04 -23.40
C LEU D 167 10.02 23.28 -23.56
N HIS D 168 9.96 22.08 -23.00
CA HIS D 168 8.79 21.21 -23.02
C HIS D 168 7.74 21.73 -22.04
N SER D 169 6.48 21.29 -22.22
CA SER D 169 5.32 21.80 -21.47
C SER D 169 5.44 21.56 -19.96
N ASN D 170 6.19 20.52 -19.56
CA ASN D 170 6.37 20.20 -18.14
C ASN D 170 7.08 21.32 -17.38
N GLY D 171 7.99 22.02 -18.04
CA GLY D 171 8.65 23.20 -17.52
C GLY D 171 10.15 23.05 -17.25
N ASN D 172 10.84 22.23 -18.04
CA ASN D 172 12.30 22.11 -18.04
C ASN D 172 12.82 21.93 -19.47
N THR D 173 13.96 22.57 -19.78
CA THR D 173 14.61 22.52 -21.09
C THR D 173 15.68 21.44 -21.10
N TYR D 174 15.53 20.44 -21.97
CA TYR D 174 16.40 19.26 -22.05
C TYR D 174 17.67 19.56 -22.86
N LEU D 175 18.56 20.34 -22.25
CA LEU D 175 19.90 20.68 -22.75
C LEU D 175 20.97 20.11 -21.83
N TYR D 176 22.09 19.65 -22.39
CA TYR D 176 23.18 18.96 -21.68
C TYR D 176 24.55 19.47 -22.18
N TRP D 177 25.35 20.06 -21.29
CA TRP D 177 26.69 20.55 -21.57
C TRP D 177 27.72 19.54 -21.07
N PHE D 178 28.64 19.14 -21.97
CA PHE D 178 29.71 18.17 -21.73
C PHE D 178 31.07 18.81 -21.97
N LEU D 179 32.03 18.53 -21.06
CA LEU D 179 33.42 19.00 -21.12
C LEU D 179 34.34 17.83 -21.44
N GLN D 180 35.00 17.86 -22.62
CA GLN D 180 35.99 16.86 -23.04
C GLN D 180 37.38 17.50 -23.06
N ARG D 181 38.15 17.28 -21.98
CA ARG D 181 39.55 17.71 -21.90
C ARG D 181 40.41 16.90 -22.87
N PRO D 182 41.48 17.48 -23.41
CA PRO D 182 42.28 16.78 -24.44
C PRO D 182 42.90 15.49 -23.90
N GLY D 183 42.66 14.40 -24.63
CA GLY D 183 43.11 13.07 -24.24
C GLY D 183 42.38 12.48 -23.04
N GLN D 184 41.07 12.65 -22.98
CA GLN D 184 40.19 12.22 -21.90
C GLN D 184 38.74 12.18 -22.39
N SER D 185 37.92 11.31 -21.76
CA SER D 185 36.50 11.15 -22.12
C SER D 185 35.66 12.37 -21.70
N PRO D 186 34.57 12.67 -22.42
CA PRO D 186 33.70 13.79 -22.02
C PRO D 186 33.13 13.63 -20.61
N GLN D 187 32.99 14.75 -19.91
CA GLN D 187 32.44 14.82 -18.54
C GLN D 187 31.22 15.74 -18.52
N LEU D 188 30.13 15.29 -17.90
CA LEU D 188 28.90 16.08 -17.74
C LEU D 188 29.15 17.29 -16.85
N LEU D 189 28.89 18.48 -17.38
CA LEU D 189 28.98 19.74 -16.64
C LEU D 189 27.62 20.20 -16.11
N ILE D 190 26.66 20.39 -17.03
CA ILE D 190 25.33 20.91 -16.69
C ILE D 190 24.29 20.03 -17.38
N TYR D 191 23.20 19.70 -16.67
CA TYR D 191 22.05 18.95 -17.19
C TYR D 191 20.77 19.76 -16.97
N ARG D 192 19.92 19.80 -18.01
CA ARG D 192 18.71 20.63 -18.05
C ARG D 192 19.00 22.13 -17.92
N MET D 193 20.08 22.56 -18.55
CA MET D 193 20.47 23.96 -18.78
C MET D 193 20.90 24.74 -17.55
N SER D 194 20.47 24.30 -16.38
CA SER D 194 20.68 25.03 -15.11
C SER D 194 21.46 24.21 -14.09
N ASN D 195 21.05 22.95 -13.84
CA ASN D 195 21.59 22.11 -12.77
C ASN D 195 23.02 21.65 -13.08
N LEU D 196 23.94 21.97 -12.17
CA LEU D 196 25.34 21.52 -12.24
C LEU D 196 25.45 20.04 -11.84
N ALA D 197 26.30 19.29 -12.54
CA ALA D 197 26.59 17.89 -12.25
C ALA D 197 27.45 17.75 -10.99
N SER D 198 27.41 16.56 -10.37
CA SER D 198 28.13 16.30 -9.11
C SER D 198 29.64 16.29 -9.33
N GLY D 199 30.37 17.09 -8.54
CA GLY D 199 31.80 17.26 -8.66
C GLY D 199 32.25 18.49 -9.44
N VAL D 200 31.34 19.11 -10.18
CA VAL D 200 31.57 20.30 -10.99
C VAL D 200 31.59 21.53 -10.09
N PRO D 201 32.67 22.33 -10.10
CA PRO D 201 32.72 23.55 -9.29
C PRO D 201 31.61 24.54 -9.64
N ASP D 202 31.41 25.54 -8.75
CA ASP D 202 30.32 26.53 -8.85
C ASP D 202 30.60 27.63 -9.86
N ARG D 203 31.78 27.61 -10.48
CA ARG D 203 32.17 28.59 -11.50
C ARG D 203 31.29 28.48 -12.74
N PHE D 204 31.11 27.26 -13.23
CA PHE D 204 30.22 26.97 -14.36
C PHE D 204 28.77 27.28 -14.00
N SER D 205 28.04 27.87 -14.95
CA SER D 205 26.63 28.25 -14.80
C SER D 205 25.98 28.41 -16.17
N GLY D 206 24.95 27.61 -16.45
CA GLY D 206 24.25 27.64 -17.72
C GLY D 206 22.93 28.38 -17.64
N SER D 207 22.52 29.01 -18.75
CA SER D 207 21.31 29.83 -18.89
C SER D 207 20.79 29.74 -20.34
N GLY D 208 19.61 30.26 -20.58
CA GLY D 208 18.96 30.23 -21.89
C GLY D 208 17.44 30.43 -21.78
N SER D 209 16.77 30.41 -22.95
CA SER D 209 15.30 30.60 -23.03
C SER D 209 14.77 30.03 -24.36
N GLY D 210 14.17 28.84 -24.32
CA GLY D 210 13.54 28.22 -25.48
C GLY D 210 14.50 27.59 -26.47
N THR D 211 15.17 28.44 -27.25
CA THR D 211 16.05 28.04 -28.35
C THR D 211 17.49 28.50 -28.16
N ALA D 212 17.72 29.75 -27.77
CA ALA D 212 19.05 30.30 -27.52
C ALA D 212 19.48 29.99 -26.08
N PHE D 213 20.67 29.40 -25.91
CA PHE D 213 21.25 29.01 -24.63
C PHE D 213 22.68 29.54 -24.52
N THR D 214 23.13 29.84 -23.29
CA THR D 214 24.44 30.39 -22.95
C THR D 214 25.04 29.67 -21.74
N LEU D 215 26.22 29.11 -21.88
CA LEU D 215 27.06 28.54 -20.83
C LEU D 215 28.10 29.58 -20.39
N THR D 216 28.10 29.96 -19.12
CA THR D 216 29.00 30.99 -18.56
C THR D 216 29.89 30.39 -17.46
N ILE D 217 31.19 30.65 -17.54
CA ILE D 217 32.20 30.27 -16.55
C ILE D 217 32.71 31.55 -15.88
N SER D 218 32.65 31.59 -14.54
CA SER D 218 33.03 32.79 -13.78
C SER D 218 34.54 33.09 -13.90
N ARG D 219 35.38 32.08 -13.72
CA ARG D 219 36.84 32.13 -13.84
C ARG D 219 37.33 30.89 -14.58
N LEU D 220 38.30 31.07 -15.48
CA LEU D 220 38.91 29.99 -16.27
C LEU D 220 40.26 29.60 -15.66
N GLU D 221 40.45 28.30 -15.38
CA GLU D 221 41.66 27.71 -14.82
C GLU D 221 42.31 26.79 -15.87
N ALA D 222 43.42 26.15 -15.47
CA ALA D 222 44.23 25.32 -16.39
C ALA D 222 43.45 24.11 -16.92
N GLU D 223 42.66 23.47 -16.07
CA GLU D 223 41.93 22.24 -16.39
C GLU D 223 40.64 22.48 -17.17
N ASP D 224 40.20 23.74 -17.30
CA ASP D 224 39.02 24.10 -18.07
C ASP D 224 39.26 24.04 -19.59
N VAL D 225 40.53 24.06 -20.02
CA VAL D 225 40.91 23.96 -21.43
C VAL D 225 40.42 22.64 -22.01
N GLY D 226 39.62 22.72 -23.06
CA GLY D 226 38.99 21.52 -23.65
C GLY D 226 37.93 21.91 -24.70
N VAL D 227 37.05 20.96 -25.07
CA VAL D 227 35.95 21.18 -26.03
C VAL D 227 34.61 20.99 -25.31
N TYR D 228 33.67 21.93 -25.51
CA TYR D 228 32.35 21.97 -24.88
C TYR D 228 31.26 21.65 -25.90
N TYR D 229 30.49 20.59 -25.61
CA TYR D 229 29.42 20.08 -26.48
C TYR D 229 28.04 20.29 -25.84
N CYS D 230 27.10 20.94 -26.57
CA CYS D 230 25.73 21.18 -26.15
C CYS D 230 24.78 20.19 -26.84
N MET D 231 24.32 19.18 -26.10
CA MET D 231 23.45 18.11 -26.58
C MET D 231 22.01 18.33 -26.08
N GLN D 232 21.04 18.21 -26.98
CA GLN D 232 19.62 18.23 -26.65
C GLN D 232 19.14 16.81 -26.33
N HIS D 233 18.13 16.71 -25.45
CA HIS D 233 17.55 15.43 -25.02
C HIS D 233 16.01 15.53 -24.95
N LEU D 234 15.43 16.24 -25.91
CA LEU D 234 13.98 16.37 -26.08
C LEU D 234 13.35 15.13 -26.70
N GLU D 235 13.98 14.58 -27.73
CA GLU D 235 13.56 13.40 -28.46
C GLU D 235 14.76 12.80 -29.21
N TYR D 236 14.74 11.42 -29.38
CA TYR D 236 15.74 10.69 -30.14
C TYR D 236 15.49 10.84 -31.65
N PRO D 237 16.56 10.92 -32.47
CA PRO D 237 17.97 10.79 -32.08
C PRO D 237 18.52 12.02 -31.37
N LEU D 238 19.42 11.80 -30.42
CA LEU D 238 20.10 12.86 -29.69
C LEU D 238 21.19 13.50 -30.55
N THR D 239 21.16 14.83 -30.68
CA THR D 239 22.08 15.60 -31.52
C THR D 239 23.03 16.45 -30.66
N PHE D 240 24.33 16.33 -30.90
CA PHE D 240 25.38 17.11 -30.26
C PHE D 240 25.69 18.37 -31.07
N GLY D 241 26.35 19.38 -30.40
CA GLY D 241 26.81 20.57 -31.08
C GLY D 241 28.12 20.35 -31.83
N ALA D 242 28.55 21.39 -32.56
CA ALA D 242 29.79 21.33 -33.34
C ALA D 242 31.02 21.10 -32.44
N GLY D 243 31.03 21.75 -31.28
CA GLY D 243 32.04 21.62 -30.26
C GLY D 243 32.93 22.84 -30.11
N THR D 244 32.68 23.70 -29.11
CA THR D 244 33.44 24.92 -28.87
C THR D 244 34.73 24.59 -28.11
N LYS D 245 35.88 24.86 -28.71
CA LYS D 245 37.20 24.63 -28.12
C LYS D 245 37.69 25.87 -27.38
N LEU D 246 38.05 25.70 -26.11
CA LEU D 246 38.67 26.73 -25.26
C LEU D 246 40.16 26.43 -25.11
N GLU D 247 41.00 27.45 -25.36
CA GLU D 247 42.46 27.38 -25.28
C GLU D 247 43.03 28.76 -24.90
N LEU D 248 44.35 28.83 -24.73
CA LEU D 248 45.09 30.07 -24.38
C LEU D 248 44.98 31.10 -25.49
N TYR E 301 -51.12 -16.31 -17.48
CA TYR E 301 -50.56 -15.52 -16.41
C TYR E 301 -49.29 -14.79 -16.87
N ALA E 302 -49.46 -14.03 -17.96
CA ALA E 302 -48.36 -13.25 -18.57
C ALA E 302 -47.86 -12.11 -17.65
N LEU E 303 -48.76 -11.62 -16.80
CA LEU E 303 -48.44 -10.59 -15.81
C LEU E 303 -47.45 -11.08 -14.75
N SER E 304 -47.51 -12.38 -14.45
CA SER E 304 -46.59 -13.01 -13.48
C SER E 304 -45.13 -12.96 -13.97
N TYR E 305 -44.93 -13.20 -15.27
CA TYR E 305 -43.60 -13.14 -15.91
C TYR E 305 -43.08 -11.70 -15.95
N CYS E 306 -44.00 -10.74 -16.16
CA CYS E 306 -43.63 -9.31 -16.11
C CYS E 306 -43.14 -8.88 -14.72
N ALA E 307 -43.72 -9.48 -13.68
CA ALA E 307 -43.30 -9.22 -12.29
C ALA E 307 -41.88 -9.75 -12.01
N LEU E 308 -41.56 -10.91 -12.59
CA LEU E 308 -40.19 -11.44 -12.51
C LEU E 308 -39.15 -10.52 -13.17
N ILE E 309 -39.45 -10.06 -14.38
CA ILE E 309 -38.53 -9.17 -15.13
C ILE E 309 -38.09 -7.95 -14.30
N LEU E 310 -38.94 -7.52 -13.37
CA LEU E 310 -38.62 -6.49 -12.37
C LEU E 310 -37.84 -7.07 -11.18
N ALA E 311 -38.23 -8.28 -10.79
CA ALA E 311 -37.59 -8.98 -9.64
C ALA E 311 -36.09 -9.28 -9.87
N ILE E 312 -35.79 -9.85 -11.04
CA ILE E 312 -34.41 -10.25 -11.38
C ILE E 312 -33.50 -9.01 -11.52
N VAL E 313 -33.93 -8.02 -12.33
CA VAL E 313 -33.11 -6.82 -12.62
C VAL E 313 -32.81 -6.06 -11.32
N PHE E 314 -33.78 -6.04 -10.39
CA PHE E 314 -33.57 -5.44 -9.06
C PHE E 314 -32.50 -6.18 -8.24
N GLY E 315 -32.64 -7.51 -8.15
CA GLY E 315 -31.75 -8.34 -7.37
C GLY E 315 -30.29 -8.35 -7.80
N ASN E 316 -30.06 -8.87 -9.01
CA ASN E 316 -28.69 -9.03 -9.53
C ASN E 316 -28.06 -7.68 -9.87
N GLY E 317 -28.86 -6.70 -10.35
CA GLY E 317 -28.30 -5.39 -10.64
C GLY E 317 -27.82 -4.67 -9.38
N LEU E 318 -28.49 -4.93 -8.23
CA LEU E 318 -28.00 -4.48 -6.92
C LEU E 318 -26.76 -5.26 -6.46
N VAL E 319 -26.73 -6.56 -6.78
CA VAL E 319 -25.55 -7.42 -6.51
C VAL E 319 -24.32 -6.97 -7.34
N CYS E 320 -24.56 -6.67 -8.61
CA CYS E 320 -23.53 -6.28 -9.57
C CYS E 320 -22.88 -4.96 -9.16
N MET E 321 -23.71 -3.93 -8.91
CA MET E 321 -23.19 -2.61 -8.49
C MET E 321 -22.52 -2.65 -7.11
N ALA E 322 -23.00 -3.54 -6.23
CA ALA E 322 -22.44 -3.68 -4.89
C ALA E 322 -20.97 -4.11 -4.92
N VAL E 323 -20.65 -5.06 -5.82
CA VAL E 323 -19.26 -5.57 -5.95
C VAL E 323 -18.30 -4.48 -6.49
N LEU E 324 -18.76 -3.70 -7.45
CA LEU E 324 -17.94 -2.64 -8.08
C LEU E 324 -17.71 -1.47 -7.13
N LYS E 325 -18.72 -1.14 -6.32
CA LYS E 325 -18.63 0.00 -5.38
C LYS E 325 -17.70 -0.31 -4.19
N GLU E 326 -17.79 -1.50 -3.62
CA GLU E 326 -16.99 -1.94 -2.47
C GLU E 326 -15.79 -2.77 -2.94
N ARG E 327 -14.58 -2.38 -2.49
CA ARG E 327 -13.34 -3.09 -2.82
C ARG E 327 -13.11 -4.32 -1.94
N ALA E 328 -13.86 -4.41 -0.84
CA ALA E 328 -13.80 -5.54 0.07
C ALA E 328 -14.37 -6.83 -0.51
N LEU E 329 -15.31 -6.69 -1.44
CA LEU E 329 -16.00 -7.79 -2.12
C LEU E 329 -15.44 -8.10 -3.50
N GLN E 330 -14.33 -7.50 -3.86
CA GLN E 330 -13.60 -7.77 -5.11
C GLN E 330 -12.63 -8.95 -4.94
N THR E 331 -13.21 -10.11 -4.64
CA THR E 331 -12.52 -11.40 -4.47
C THR E 331 -12.80 -12.28 -5.68
N THR E 332 -11.85 -13.19 -5.97
CA THR E 332 -11.97 -14.08 -7.14
C THR E 332 -13.15 -15.05 -7.00
N THR E 333 -13.45 -15.46 -5.76
CA THR E 333 -14.62 -16.26 -5.42
C THR E 333 -15.92 -15.52 -5.79
N ASN E 334 -15.97 -14.22 -5.52
CA ASN E 334 -17.16 -13.39 -5.77
C ASN E 334 -17.36 -13.09 -7.25
N TYR E 335 -16.32 -13.22 -8.08
CA TYR E 335 -16.41 -12.99 -9.52
C TYR E 335 -17.27 -14.06 -10.21
N LEU E 336 -17.34 -15.25 -9.62
CA LEU E 336 -18.28 -16.30 -10.06
C LEU E 336 -19.73 -15.93 -9.78
N VAL E 337 -19.96 -15.28 -8.63
CA VAL E 337 -21.28 -14.74 -8.26
C VAL E 337 -21.66 -13.56 -9.17
N VAL E 338 -20.68 -12.72 -9.51
CA VAL E 338 -20.87 -11.61 -10.46
C VAL E 338 -21.24 -12.15 -11.84
N SER E 339 -20.51 -13.18 -12.30
CA SER E 339 -20.77 -13.86 -13.57
C SER E 339 -22.18 -14.47 -13.61
N LEU E 340 -22.61 -15.04 -12.47
CA LEU E 340 -23.97 -15.59 -12.32
C LEU E 340 -25.04 -14.49 -12.35
N ALA E 341 -24.74 -13.36 -11.73
CA ALA E 341 -25.61 -12.17 -11.75
C ALA E 341 -25.74 -11.56 -13.15
N VAL E 342 -24.64 -11.58 -13.90
CA VAL E 342 -24.63 -11.12 -15.31
C VAL E 342 -25.50 -12.02 -16.17
N ALA E 343 -25.27 -13.34 -16.08
CA ALA E 343 -26.08 -14.34 -16.78
C ALA E 343 -27.57 -14.20 -16.45
N ASP E 344 -27.87 -13.97 -15.16
CA ASP E 344 -29.24 -13.81 -14.67
C ASP E 344 -29.91 -12.54 -15.23
N LEU E 345 -29.13 -11.46 -15.34
CA LEU E 345 -29.63 -10.20 -15.92
C LEU E 345 -29.89 -10.31 -17.43
N LEU E 346 -28.99 -11.00 -18.12
CA LEU E 346 -29.15 -11.29 -19.55
C LEU E 346 -30.41 -12.13 -19.80
N VAL E 347 -30.69 -13.09 -18.92
CA VAL E 347 -31.96 -13.86 -18.97
C VAL E 347 -33.16 -12.90 -18.88
N ALA E 348 -33.12 -12.01 -17.88
CA ALA E 348 -34.24 -11.09 -17.60
C ALA E 348 -34.51 -10.11 -18.75
N THR E 349 -33.46 -9.64 -19.41
CA THR E 349 -33.52 -8.59 -20.42
C THR E 349 -33.65 -9.09 -21.86
N LEU E 350 -32.88 -10.12 -22.23
CA LEU E 350 -32.74 -10.60 -23.59
C LEU E 350 -33.66 -11.77 -23.96
N VAL E 351 -34.19 -12.49 -22.97
CA VAL E 351 -34.98 -13.71 -23.17
C VAL E 351 -36.44 -13.51 -22.70
N MET E 352 -36.63 -13.07 -21.46
CA MET E 352 -37.97 -13.00 -20.85
C MET E 352 -39.02 -12.23 -21.64
N PRO E 353 -38.71 -11.06 -22.23
CA PRO E 353 -39.72 -10.35 -23.02
C PRO E 353 -40.32 -11.17 -24.16
N TRP E 354 -39.54 -12.11 -24.72
CA TRP E 354 -40.06 -13.03 -25.74
C TRP E 354 -41.11 -13.99 -25.17
N VAL E 355 -40.90 -14.45 -23.93
CA VAL E 355 -41.82 -15.35 -23.22
C VAL E 355 -43.11 -14.61 -22.85
N VAL E 356 -42.98 -13.35 -22.44
CA VAL E 356 -44.13 -12.48 -22.14
C VAL E 356 -44.97 -12.24 -23.41
N TYR E 357 -44.27 -11.97 -24.52
CA TYR E 357 -44.93 -11.80 -25.83
C TYR E 357 -45.66 -13.07 -26.27
N LEU E 358 -45.07 -14.23 -26.01
CA LEU E 358 -45.64 -15.52 -26.39
C LEU E 358 -46.77 -15.99 -25.48
N GLU E 359 -46.82 -15.48 -24.25
CA GLU E 359 -47.90 -15.72 -23.31
C GLU E 359 -49.10 -14.80 -23.51
N VAL E 360 -48.85 -13.58 -23.99
CA VAL E 360 -49.91 -12.60 -24.26
C VAL E 360 -50.53 -12.79 -25.65
N THR E 361 -49.76 -13.31 -26.61
CA THR E 361 -50.25 -13.55 -27.98
C THR E 361 -51.05 -14.86 -28.09
N GLY E 362 -50.95 -15.72 -27.09
CA GLY E 362 -51.69 -16.96 -27.01
C GLY E 362 -51.04 -18.13 -27.72
N GLY E 363 -49.72 -18.23 -27.61
CA GLY E 363 -48.94 -19.29 -28.22
C GLY E 363 -48.92 -19.28 -29.74
N VAL E 364 -48.29 -18.28 -30.34
CA VAL E 364 -48.11 -18.14 -31.79
C VAL E 364 -46.89 -17.25 -32.06
N TRP E 365 -46.11 -17.59 -33.11
CA TRP E 365 -44.91 -16.85 -33.53
C TRP E 365 -45.22 -16.11 -34.84
N ASN E 366 -45.54 -14.82 -34.75
CA ASN E 366 -45.87 -13.97 -35.90
C ASN E 366 -44.64 -13.40 -36.60
N PHE E 367 -43.46 -13.49 -35.97
CA PHE E 367 -42.18 -13.00 -36.48
C PHE E 367 -41.54 -14.07 -37.39
N SER E 368 -40.38 -13.74 -37.96
CA SER E 368 -39.63 -14.59 -38.89
C SER E 368 -38.99 -15.79 -38.17
N ARG E 369 -38.74 -16.86 -38.94
CA ARG E 369 -38.23 -18.12 -38.37
C ARG E 369 -36.84 -17.98 -37.74
N ILE E 370 -36.02 -17.06 -38.26
CA ILE E 370 -34.70 -16.75 -37.71
C ILE E 370 -34.83 -16.08 -36.33
N CYS E 371 -35.94 -15.35 -36.11
CA CYS E 371 -36.25 -14.73 -34.81
C CYS E 371 -36.57 -15.79 -33.74
N CYS E 372 -37.26 -16.85 -34.15
CA CYS E 372 -37.50 -18.02 -33.29
C CYS E 372 -36.22 -18.79 -33.00
N ASP E 373 -35.38 -18.95 -34.03
CA ASP E 373 -34.10 -19.67 -33.90
C ASP E 373 -33.14 -18.96 -32.95
N VAL E 374 -33.01 -17.62 -33.09
CA VAL E 374 -32.11 -16.82 -32.24
C VAL E 374 -32.64 -16.75 -30.80
N PHE E 375 -33.97 -16.65 -30.63
CA PHE E 375 -34.58 -16.69 -29.30
C PHE E 375 -34.29 -18.02 -28.57
N VAL E 376 -34.56 -19.14 -29.26
CA VAL E 376 -34.34 -20.48 -28.70
C VAL E 376 -32.86 -20.68 -28.34
N THR E 377 -31.97 -20.32 -29.27
CA THR E 377 -30.52 -20.38 -29.03
C THR E 377 -30.11 -19.56 -27.82
N LEU E 378 -30.54 -18.29 -27.77
CA LEU E 378 -30.22 -17.37 -26.68
C LEU E 378 -30.71 -17.89 -25.33
N ASP E 379 -31.91 -18.47 -25.31
CA ASP E 379 -32.50 -19.04 -24.09
C ASP E 379 -31.70 -20.22 -23.57
N VAL E 380 -31.32 -21.14 -24.47
CA VAL E 380 -30.53 -22.34 -24.12
C VAL E 380 -29.13 -21.95 -23.66
N MET E 381 -28.51 -20.99 -24.36
CA MET E 381 -27.22 -20.41 -23.96
C MET E 381 -27.25 -19.88 -22.53
N MET E 382 -28.19 -18.96 -22.27
CA MET E 382 -28.29 -18.26 -20.98
C MET E 382 -28.57 -19.23 -19.82
N CYS E 383 -29.46 -20.20 -20.05
CA CYS E 383 -29.80 -21.18 -19.03
C CYS E 383 -28.65 -22.14 -18.73
N THR E 384 -28.09 -22.77 -19.78
CA THR E 384 -26.93 -23.65 -19.64
C THR E 384 -25.80 -22.96 -18.90
N ALA E 385 -25.57 -21.69 -19.23
CA ALA E 385 -24.58 -20.86 -18.53
C ALA E 385 -24.88 -20.74 -17.05
N SER E 386 -26.16 -20.55 -16.71
CA SER E 386 -26.59 -20.46 -15.30
C SER E 386 -26.30 -21.74 -14.50
N ILE E 387 -26.72 -22.89 -15.05
CA ILE E 387 -26.55 -24.20 -14.37
C ILE E 387 -25.05 -24.54 -14.21
N TRP E 388 -24.27 -24.37 -15.29
CA TRP E 388 -22.85 -24.71 -15.27
C TRP E 388 -22.01 -23.70 -14.48
N ASN E 389 -22.53 -22.49 -14.24
CA ASN E 389 -21.90 -21.54 -13.32
C ASN E 389 -22.13 -21.92 -11.87
N LEU E 390 -23.34 -22.41 -11.58
CA LEU E 390 -23.61 -23.04 -10.26
C LEU E 390 -22.67 -24.23 -9.99
N CYS E 391 -22.41 -25.01 -11.05
CA CYS E 391 -21.44 -26.12 -10.98
C CYS E 391 -19.99 -25.63 -10.83
N ALA E 392 -19.68 -24.51 -11.48
CA ALA E 392 -18.36 -23.87 -11.36
C ALA E 392 -18.09 -23.31 -9.96
N ILE E 393 -19.14 -22.77 -9.33
CA ILE E 393 -19.05 -22.28 -7.94
C ILE E 393 -18.87 -23.44 -6.97
N SER E 394 -19.58 -24.54 -7.19
CA SER E 394 -19.44 -25.74 -6.34
C SER E 394 -18.02 -26.33 -6.42
N ILE E 395 -17.44 -26.34 -7.63
CA ILE E 395 -16.05 -26.77 -7.84
C ILE E 395 -15.07 -25.80 -7.16
N ASP E 396 -15.36 -24.50 -7.20
CA ASP E 396 -14.54 -23.47 -6.53
C ASP E 396 -14.51 -23.68 -5.00
N ARG E 397 -15.68 -23.95 -4.42
CA ARG E 397 -15.81 -24.25 -2.99
C ARG E 397 -15.10 -25.55 -2.61
N TYR E 398 -15.15 -26.53 -3.52
CA TYR E 398 -14.43 -27.80 -3.34
C TYR E 398 -12.92 -27.60 -3.30
N THR E 399 -12.40 -26.77 -4.21
CA THR E 399 -10.98 -26.41 -4.23
C THR E 399 -10.57 -25.67 -2.97
N ALA E 400 -11.46 -24.81 -2.48
CA ALA E 400 -11.21 -24.00 -1.27
C ALA E 400 -11.03 -24.87 -0.02
N VAL E 401 -11.86 -25.90 0.10
CA VAL E 401 -11.82 -26.80 1.28
C VAL E 401 -10.67 -27.82 1.17
N VAL E 402 -10.64 -28.59 0.06
CA VAL E 402 -9.68 -29.69 -0.13
C VAL E 402 -8.24 -29.16 -0.29
N MET E 403 -8.08 -28.07 -1.04
CA MET E 403 -6.79 -27.46 -1.40
C MET E 403 -6.75 -26.01 -0.92
N PRO E 404 -6.63 -25.81 0.41
CA PRO E 404 -6.76 -24.45 0.98
C PRO E 404 -5.51 -23.57 0.85
N VAL E 405 -4.32 -24.18 0.86
CA VAL E 405 -3.05 -23.45 0.84
C VAL E 405 -2.80 -22.83 -0.54
N HIS E 406 -3.21 -23.51 -1.62
CA HIS E 406 -3.12 -22.99 -2.99
C HIS E 406 -4.28 -22.06 -3.35
N TYR E 407 -5.33 -22.05 -2.51
CA TYR E 407 -6.50 -21.19 -2.66
C TYR E 407 -6.28 -19.81 -2.07
N GLN E 408 -5.36 -19.69 -1.12
CA GLN E 408 -5.08 -18.48 -0.31
C GLN E 408 -6.38 -18.08 0.40
N HIS E 409 -6.78 -16.81 0.35
CA HIS E 409 -8.00 -16.26 0.93
C HIS E 409 -8.90 -15.69 -0.17
N GLY E 410 -8.99 -16.38 -1.28
CA GLY E 410 -9.72 -15.95 -2.46
C GLY E 410 -8.97 -15.00 -3.37
N THR E 411 -7.65 -14.90 -3.22
CA THR E 411 -6.75 -14.05 -3.99
C THR E 411 -5.52 -14.88 -4.40
N GLY E 412 -4.57 -14.26 -5.11
CA GLY E 412 -3.36 -14.89 -5.63
C GLY E 412 -3.45 -15.17 -7.12
N GLN E 413 -2.33 -15.65 -7.69
CA GLN E 413 -2.25 -15.99 -9.13
C GLN E 413 -2.97 -17.30 -9.46
N SER E 414 -2.84 -18.30 -8.58
CA SER E 414 -3.45 -19.62 -8.77
C SER E 414 -4.99 -19.57 -8.66
N SER E 415 -5.49 -18.73 -7.75
CA SER E 415 -6.94 -18.53 -7.58
C SER E 415 -7.55 -17.77 -8.77
N CYS E 416 -6.84 -16.74 -9.25
CA CYS E 416 -7.31 -15.92 -10.38
C CYS E 416 -7.29 -16.69 -11.71
N ARG E 417 -6.22 -17.47 -11.94
CA ARG E 417 -6.08 -18.26 -13.18
C ARG E 417 -7.07 -19.43 -13.22
N ARG E 418 -7.49 -19.91 -12.03
CA ARG E 418 -8.52 -20.96 -11.95
C ARG E 418 -9.95 -20.41 -12.16
N VAL E 419 -10.28 -19.31 -11.46
CA VAL E 419 -11.61 -18.68 -11.57
C VAL E 419 -11.87 -18.21 -13.00
N ALA E 420 -10.91 -17.47 -13.57
CA ALA E 420 -11.02 -16.95 -14.94
C ALA E 420 -11.15 -18.08 -15.97
N LEU E 421 -10.40 -19.19 -15.75
CA LEU E 421 -10.53 -20.38 -16.59
C LEU E 421 -11.92 -21.03 -16.48
N MET E 422 -12.44 -21.15 -15.25
CA MET E 422 -13.75 -21.74 -14.99
C MET E 422 -14.89 -20.91 -15.57
N ILE E 423 -14.80 -19.58 -15.42
CA ILE E 423 -15.79 -18.65 -15.96
C ILE E 423 -15.80 -18.70 -17.49
N THR E 424 -14.60 -18.80 -18.09
CA THR E 424 -14.50 -19.02 -19.54
C THR E 424 -15.12 -20.37 -19.96
N ALA E 425 -14.78 -21.42 -19.20
CA ALA E 425 -15.22 -22.80 -19.48
C ALA E 425 -16.75 -22.93 -19.50
N VAL E 426 -17.42 -22.28 -18.54
CA VAL E 426 -18.90 -22.30 -18.49
C VAL E 426 -19.50 -21.50 -19.65
N TRP E 427 -18.94 -20.30 -19.94
CA TRP E 427 -19.49 -19.42 -20.96
C TRP E 427 -19.25 -19.91 -22.40
N VAL E 428 -18.24 -20.76 -22.60
CA VAL E 428 -17.97 -21.38 -23.90
C VAL E 428 -18.71 -22.72 -24.06
N LEU E 429 -18.93 -23.45 -22.96
CA LEU E 429 -19.73 -24.67 -22.99
C LEU E 429 -21.21 -24.38 -23.24
N ALA E 430 -21.70 -23.29 -22.64
CA ALA E 430 -23.06 -22.79 -22.91
C ALA E 430 -23.27 -22.45 -24.39
N PHE E 431 -22.24 -21.85 -25.01
CA PHE E 431 -22.22 -21.55 -26.45
C PHE E 431 -22.16 -22.83 -27.28
N ALA E 432 -21.31 -23.78 -26.87
CA ALA E 432 -21.14 -25.06 -27.55
C ALA E 432 -22.43 -25.87 -27.59
N VAL E 433 -23.17 -25.89 -26.47
CA VAL E 433 -24.46 -26.59 -26.35
C VAL E 433 -25.52 -25.88 -27.19
N SER E 434 -25.51 -24.55 -27.20
CA SER E 434 -26.54 -23.74 -27.85
C SER E 434 -26.30 -23.49 -29.35
N CYS E 435 -25.08 -23.74 -29.86
CA CYS E 435 -24.68 -23.53 -31.23
C CYS E 435 -25.59 -24.18 -32.26
N PRO E 436 -25.84 -25.49 -32.16
CA PRO E 436 -26.60 -26.18 -33.23
C PRO E 436 -27.98 -25.57 -33.52
N LEU E 437 -28.68 -25.12 -32.48
CA LEU E 437 -30.04 -24.59 -32.62
C LEU E 437 -30.11 -23.37 -33.54
N LEU E 438 -29.03 -22.59 -33.60
CA LEU E 438 -28.91 -21.43 -34.48
C LEU E 438 -28.54 -21.82 -35.91
N PHE E 439 -27.98 -22.99 -36.10
CA PHE E 439 -27.64 -23.58 -37.40
C PHE E 439 -28.75 -24.52 -37.91
N GLY E 440 -30.00 -24.05 -37.84
CA GLY E 440 -31.17 -24.72 -38.35
C GLY E 440 -31.28 -26.20 -38.03
N PHE E 441 -31.05 -26.54 -36.76
CA PHE E 441 -31.13 -27.91 -36.24
C PHE E 441 -32.41 -28.16 -35.46
N ASN E 442 -33.09 -27.11 -35.01
CA ASN E 442 -34.38 -27.21 -34.33
C ASN E 442 -35.50 -27.52 -35.31
N THR E 443 -35.79 -28.81 -35.49
CA THR E 443 -36.89 -29.27 -36.33
C THR E 443 -38.23 -28.98 -35.67
N THR E 444 -39.13 -28.33 -36.40
CA THR E 444 -40.46 -27.93 -35.95
C THR E 444 -41.48 -28.26 -37.05
N GLY E 445 -42.78 -28.15 -36.73
CA GLY E 445 -43.88 -28.44 -37.64
C GLY E 445 -44.24 -27.20 -38.45
N ASP E 446 -45.42 -26.59 -38.21
CA ASP E 446 -45.83 -25.35 -38.87
C ASP E 446 -45.04 -24.16 -38.33
N PRO E 447 -44.69 -23.18 -39.18
CA PRO E 447 -43.94 -21.99 -38.70
C PRO E 447 -44.68 -21.16 -37.66
N THR E 448 -45.97 -21.45 -37.41
CA THR E 448 -46.76 -20.71 -36.43
C THR E 448 -46.26 -20.92 -34.98
N VAL E 449 -45.67 -22.10 -34.68
CA VAL E 449 -45.20 -22.48 -33.34
C VAL E 449 -43.67 -22.31 -33.29
N CYS E 450 -43.17 -22.02 -32.08
CA CYS E 450 -41.73 -21.87 -31.77
C CYS E 450 -41.39 -22.65 -30.48
N SER E 451 -40.81 -23.84 -30.62
CA SER E 451 -40.45 -24.72 -29.51
C SER E 451 -39.33 -25.69 -29.94
N ILE E 452 -38.64 -26.28 -28.97
CA ILE E 452 -37.54 -27.23 -29.18
C ILE E 452 -38.13 -28.65 -29.13
N SER E 453 -38.26 -29.27 -30.30
CA SER E 453 -38.91 -30.58 -30.50
C SER E 453 -38.10 -31.47 -31.45
N ASN E 454 -36.81 -31.56 -31.22
CA ASN E 454 -35.87 -32.45 -31.93
C ASN E 454 -35.31 -33.48 -30.95
N PRO E 455 -35.86 -34.70 -30.92
CA PRO E 455 -35.51 -35.66 -29.85
C PRO E 455 -34.05 -36.10 -29.81
N ASP E 456 -33.39 -36.15 -30.99
CA ASP E 456 -31.97 -36.50 -31.08
C ASP E 456 -31.10 -35.44 -30.41
N PHE E 457 -31.44 -34.16 -30.60
CA PHE E 457 -30.76 -33.04 -29.94
C PHE E 457 -31.13 -32.91 -28.47
N VAL E 458 -32.43 -32.90 -28.18
CA VAL E 458 -32.98 -32.59 -26.85
C VAL E 458 -32.39 -33.53 -25.80
N ILE E 459 -32.35 -34.85 -26.11
CA ILE E 459 -31.86 -35.83 -25.12
C ILE E 459 -30.39 -35.56 -24.74
N TYR E 460 -29.54 -35.28 -25.73
CA TYR E 460 -28.11 -35.03 -25.53
C TYR E 460 -27.85 -33.65 -24.93
N SER E 461 -28.65 -32.66 -25.32
CA SER E 461 -28.61 -31.32 -24.73
C SER E 461 -28.93 -31.39 -23.24
N SER E 462 -30.04 -32.03 -22.88
CA SER E 462 -30.45 -32.20 -21.48
C SER E 462 -29.41 -32.96 -20.67
N VAL E 463 -28.78 -33.99 -21.28
CA VAL E 463 -27.72 -34.77 -20.62
C VAL E 463 -26.50 -33.90 -20.30
N VAL E 464 -26.06 -33.10 -21.28
CA VAL E 464 -24.81 -32.32 -21.21
C VAL E 464 -25.00 -30.90 -20.68
N SER E 465 -26.22 -30.44 -20.52
CA SER E 465 -26.56 -29.08 -20.10
C SER E 465 -27.05 -28.99 -18.65
N PHE E 466 -27.83 -29.97 -18.18
CA PHE E 466 -28.38 -30.02 -16.82
C PHE E 466 -27.95 -31.25 -16.01
N TYR E 467 -28.18 -32.45 -16.54
CA TYR E 467 -28.03 -33.70 -15.76
C TYR E 467 -26.57 -33.93 -15.37
N LEU E 468 -25.65 -33.74 -16.32
CA LEU E 468 -24.19 -33.84 -16.01
C LEU E 468 -23.74 -32.81 -14.99
N PRO E 469 -23.93 -31.50 -15.21
CA PRO E 469 -23.52 -30.52 -14.19
C PRO E 469 -24.23 -30.66 -12.86
N PHE E 470 -25.48 -31.11 -12.86
CA PHE E 470 -26.22 -31.39 -11.62
C PHE E 470 -25.61 -32.56 -10.87
N GLY E 471 -25.31 -33.63 -11.59
CA GLY E 471 -24.65 -34.80 -11.00
C GLY E 471 -23.26 -34.50 -10.46
N VAL E 472 -22.52 -33.63 -11.13
CA VAL E 472 -21.22 -33.15 -10.68
C VAL E 472 -21.36 -32.31 -9.41
N THR E 473 -22.29 -31.35 -9.42
CA THR E 473 -22.56 -30.46 -8.28
C THR E 473 -22.92 -31.23 -7.02
N VAL E 474 -23.86 -32.18 -7.15
CA VAL E 474 -24.35 -32.99 -6.02
C VAL E 474 -23.22 -33.84 -5.44
N LEU E 475 -22.42 -34.47 -6.32
CA LEU E 475 -21.26 -35.26 -5.88
C LEU E 475 -20.20 -34.39 -5.17
N VAL E 476 -19.95 -33.20 -5.71
CA VAL E 476 -18.96 -32.26 -5.16
C VAL E 476 -19.38 -31.77 -3.77
N TYR E 477 -20.65 -31.37 -3.63
CA TYR E 477 -21.18 -30.90 -2.34
C TYR E 477 -21.33 -32.03 -1.32
N ALA E 478 -21.59 -33.25 -1.80
CA ALA E 478 -21.58 -34.45 -0.96
C ALA E 478 -20.17 -34.77 -0.44
N ARG E 479 -19.16 -34.51 -1.28
CA ARG E 479 -17.75 -34.65 -0.91
C ARG E 479 -17.27 -33.53 0.02
N ILE E 480 -17.88 -32.35 -0.11
CA ILE E 480 -17.61 -31.20 0.78
C ILE E 480 -18.16 -31.47 2.19
N TYR E 481 -19.35 -32.08 2.26
CA TYR E 481 -19.97 -32.41 3.56
C TYR E 481 -19.19 -33.50 4.32
N VAL E 482 -18.75 -34.54 3.57
CA VAL E 482 -18.03 -35.66 4.20
C VAL E 482 -16.60 -35.26 4.63
N VAL E 483 -15.91 -34.43 3.82
CA VAL E 483 -14.54 -34.00 4.15
C VAL E 483 -14.55 -33.03 5.33
N LEU E 484 -15.58 -32.17 5.43
CA LEU E 484 -15.74 -31.28 6.59
C LEU E 484 -16.05 -32.07 7.87
N LYS E 485 -16.89 -33.12 7.74
CA LYS E 485 -17.17 -34.03 8.86
C LYS E 485 -15.93 -34.81 9.30
N GLN E 486 -15.14 -35.29 8.33
CA GLN E 486 -13.90 -36.02 8.59
C GLN E 486 -12.86 -35.12 9.27
N ARG E 487 -12.74 -33.87 8.81
CA ARG E 487 -11.82 -32.89 9.42
C ARG E 487 -12.23 -32.52 10.84
N ARG E 488 -13.54 -32.32 11.07
CA ARG E 488 -14.06 -32.02 12.40
C ARG E 488 -13.91 -33.19 13.36
N ARG E 489 -14.01 -34.41 12.84
CA ARG E 489 -13.74 -35.63 13.62
C ARG E 489 -12.26 -35.74 13.97
N LYS E 490 -11.39 -35.43 13.01
CA LYS E 490 -9.94 -35.46 13.22
C LYS E 490 -9.50 -34.44 14.27
N ARG E 491 -10.17 -33.29 14.30
CA ARG E 491 -9.95 -32.28 15.35
C ARG E 491 -10.16 -32.87 16.76
N ILE E 492 -11.27 -33.56 16.97
CA ILE E 492 -11.62 -34.21 18.22
C ILE E 492 -11.17 -35.67 18.21
N ARG E 592 -18.30 -22.98 12.09
CA ARG E 592 -19.69 -23.34 12.26
C ARG E 592 -20.16 -24.29 11.14
N GLU E 593 -20.22 -25.59 11.47
CA GLU E 593 -20.66 -26.62 10.51
C GLU E 593 -22.16 -26.53 10.23
N LYS E 594 -22.93 -26.03 11.20
CA LYS E 594 -24.38 -25.83 11.06
C LYS E 594 -24.71 -24.87 9.93
N LYS E 595 -23.95 -23.77 9.86
CA LYS E 595 -24.07 -22.79 8.77
C LYS E 595 -23.73 -23.41 7.42
N ALA E 596 -22.56 -24.04 7.33
CA ALA E 596 -22.08 -24.68 6.10
C ALA E 596 -23.07 -25.71 5.54
N THR E 597 -23.63 -26.53 6.44
CA THR E 597 -24.64 -27.54 6.09
C THR E 597 -25.95 -26.91 5.62
N GLN E 598 -26.36 -25.82 6.28
CA GLN E 598 -27.58 -25.09 5.89
C GLN E 598 -27.43 -24.42 4.51
N MET E 599 -26.26 -23.85 4.24
CA MET E 599 -25.96 -23.16 2.98
C MET E 599 -25.90 -24.13 1.80
N VAL E 600 -25.22 -25.27 1.99
CA VAL E 600 -25.11 -26.28 0.92
C VAL E 600 -26.45 -26.96 0.67
N ALA E 601 -27.24 -27.17 1.74
CA ALA E 601 -28.54 -27.82 1.65
C ALA E 601 -29.56 -26.96 0.91
N ILE E 602 -29.62 -25.65 1.24
CA ILE E 602 -30.58 -24.73 0.62
C ILE E 602 -30.19 -24.45 -0.84
N VAL E 603 -28.88 -24.33 -1.14
CA VAL E 603 -28.41 -24.09 -2.52
C VAL E 603 -28.75 -25.28 -3.42
N LEU E 604 -28.45 -26.50 -2.95
CA LEU E 604 -28.76 -27.74 -3.68
C LEU E 604 -30.27 -27.98 -3.75
N GLY E 605 -30.98 -27.63 -2.69
CA GLY E 605 -32.43 -27.75 -2.65
C GLY E 605 -33.16 -26.76 -3.56
N ALA E 606 -32.67 -25.52 -3.62
CA ALA E 606 -33.19 -24.49 -4.52
C ALA E 606 -32.91 -24.84 -5.97
N PHE E 607 -31.73 -25.42 -6.25
CA PHE E 607 -31.33 -25.80 -7.61
C PHE E 607 -32.17 -26.96 -8.15
N ILE E 608 -32.29 -28.06 -7.37
CA ILE E 608 -33.04 -29.24 -7.81
C ILE E 608 -34.53 -28.90 -7.99
N VAL E 609 -35.12 -28.20 -7.01
CA VAL E 609 -36.58 -27.95 -6.99
C VAL E 609 -37.01 -27.06 -8.18
N CYS E 610 -36.16 -26.12 -8.56
CA CYS E 610 -36.46 -25.06 -9.54
C CYS E 610 -35.86 -25.31 -10.92
N TRP E 611 -35.28 -26.49 -11.16
CA TRP E 611 -34.81 -26.88 -12.48
C TRP E 611 -35.15 -28.32 -12.92
N LEU E 612 -34.98 -29.29 -12.01
CA LEU E 612 -35.23 -30.71 -12.30
C LEU E 612 -36.60 -30.98 -12.91
N PRO E 613 -37.70 -30.45 -12.34
CA PRO E 613 -39.03 -30.72 -12.91
C PRO E 613 -39.15 -30.41 -14.40
N PHE E 614 -38.58 -29.27 -14.84
CA PHE E 614 -38.65 -28.89 -16.25
C PHE E 614 -37.93 -29.90 -17.15
N PHE E 615 -36.65 -30.17 -16.86
CA PHE E 615 -35.82 -31.06 -17.68
C PHE E 615 -36.34 -32.51 -17.67
N LEU E 616 -36.94 -32.91 -16.55
CA LEU E 616 -37.58 -34.22 -16.45
C LEU E 616 -38.81 -34.33 -17.35
N THR E 617 -39.65 -33.26 -17.34
CA THR E 617 -40.82 -33.17 -18.24
C THR E 617 -40.42 -33.02 -19.70
N HIS E 618 -39.28 -32.38 -19.96
CA HIS E 618 -38.75 -32.15 -21.32
C HIS E 618 -38.22 -33.45 -21.94
N VAL E 619 -37.60 -34.31 -21.12
CA VAL E 619 -37.02 -35.58 -21.59
C VAL E 619 -38.09 -36.67 -21.74
N LEU E 620 -39.07 -36.71 -20.83
CA LEU E 620 -40.16 -37.67 -20.95
C LEU E 620 -41.13 -37.28 -22.06
N ASN E 621 -41.23 -35.98 -22.38
CA ASN E 621 -42.02 -35.51 -23.52
C ASN E 621 -41.36 -35.88 -24.85
N THR E 622 -40.05 -35.60 -24.97
CA THR E 622 -39.33 -35.78 -26.24
C THR E 622 -39.16 -37.25 -26.62
N HIS E 623 -39.04 -38.14 -25.63
CA HIS E 623 -38.83 -39.58 -25.82
C HIS E 623 -39.76 -40.37 -24.88
N CYS E 624 -40.92 -40.82 -25.39
CA CYS E 624 -41.85 -41.77 -24.79
C CYS E 624 -42.98 -42.10 -25.76
N GLN E 625 -43.58 -43.29 -25.58
CA GLN E 625 -44.66 -43.78 -26.44
C GLN E 625 -45.91 -42.87 -26.36
N THR E 626 -46.32 -42.55 -25.14
CA THR E 626 -47.44 -41.64 -24.84
C THR E 626 -47.28 -41.06 -23.43
N CYS E 627 -47.23 -39.73 -23.31
CA CYS E 627 -47.09 -38.98 -22.07
C CYS E 627 -48.09 -37.81 -22.03
N HIS E 628 -48.65 -37.55 -20.85
CA HIS E 628 -49.63 -36.46 -20.61
C HIS E 628 -48.92 -35.16 -20.26
N VAL E 629 -48.23 -34.62 -21.26
CA VAL E 629 -47.42 -33.36 -21.14
C VAL E 629 -48.34 -32.20 -21.60
N SER E 630 -49.15 -31.71 -20.67
CA SER E 630 -50.08 -30.61 -20.95
C SER E 630 -49.34 -29.29 -21.12
N PRO E 631 -49.82 -28.39 -22.01
CA PRO E 631 -49.11 -27.14 -22.25
C PRO E 631 -48.98 -26.22 -21.03
N GLU E 632 -50.02 -26.22 -20.17
CA GLU E 632 -49.99 -25.43 -18.94
C GLU E 632 -48.95 -25.94 -17.93
N LEU E 633 -48.61 -27.23 -18.04
CA LEU E 633 -47.51 -27.82 -17.26
C LEU E 633 -46.14 -27.38 -17.80
N TYR E 634 -46.03 -27.25 -19.12
CA TYR E 634 -44.82 -26.76 -19.77
C TYR E 634 -44.54 -25.30 -19.42
N SER E 635 -45.61 -24.51 -19.30
CA SER E 635 -45.51 -23.11 -18.87
C SER E 635 -45.16 -22.99 -17.39
N ALA E 636 -45.73 -23.89 -16.57
CA ALA E 636 -45.44 -23.94 -15.13
C ALA E 636 -43.97 -24.32 -14.85
N THR E 637 -43.45 -25.28 -15.62
CA THR E 637 -42.04 -25.69 -15.52
C THR E 637 -41.09 -24.61 -16.01
N THR E 638 -41.49 -23.88 -17.08
CA THR E 638 -40.74 -22.70 -17.53
C THR E 638 -40.65 -21.62 -16.44
N TRP E 639 -41.77 -21.37 -15.78
CA TRP E 639 -41.83 -20.41 -14.66
C TRP E 639 -40.90 -20.83 -13.52
N LEU E 640 -40.93 -22.12 -13.17
CA LEU E 640 -39.99 -22.67 -12.18
C LEU E 640 -38.52 -22.51 -12.61
N GLY E 641 -38.28 -22.68 -13.91
CA GLY E 641 -36.94 -22.50 -14.47
C GLY E 641 -36.43 -21.07 -14.40
N TYR E 642 -37.32 -20.10 -14.41
CA TYR E 642 -36.99 -18.67 -14.35
C TYR E 642 -37.06 -18.04 -12.95
N VAL E 643 -37.89 -18.59 -12.05
CA VAL E 643 -37.88 -18.19 -10.65
C VAL E 643 -36.62 -18.70 -9.97
N ASN E 644 -36.04 -19.80 -10.48
CA ASN E 644 -34.67 -20.18 -10.09
C ASN E 644 -33.68 -19.04 -10.29
N SER E 645 -33.65 -18.50 -11.50
CA SER E 645 -32.79 -17.38 -11.86
C SER E 645 -33.09 -16.16 -10.99
N ALA E 646 -34.37 -15.93 -10.70
CA ALA E 646 -34.81 -14.82 -9.84
C ALA E 646 -34.37 -14.98 -8.38
N LEU E 647 -34.39 -16.21 -7.88
CA LEU E 647 -33.99 -16.58 -6.52
C LEU E 647 -32.49 -16.75 -6.37
N ASN E 648 -31.77 -16.92 -7.49
CA ASN E 648 -30.34 -17.26 -7.48
C ASN E 648 -29.46 -16.20 -6.80
N PRO E 649 -29.62 -14.91 -7.10
CA PRO E 649 -28.82 -13.90 -6.40
C PRO E 649 -29.09 -13.84 -4.90
N VAL E 650 -30.37 -13.87 -4.52
CA VAL E 650 -30.79 -13.77 -3.11
C VAL E 650 -30.10 -14.84 -2.27
N ILE E 651 -30.21 -16.10 -2.68
CA ILE E 651 -29.68 -17.26 -1.95
C ILE E 651 -28.15 -17.25 -1.90
N TYR E 652 -27.51 -16.69 -2.95
CA TYR E 652 -26.05 -16.72 -3.06
C TYR E 652 -25.31 -15.50 -2.48
N THR E 653 -25.99 -14.39 -2.26
CA THR E 653 -25.41 -13.16 -1.74
C THR E 653 -25.97 -12.73 -0.39
N THR E 654 -27.31 -12.66 -0.25
CA THR E 654 -27.94 -12.10 0.96
C THR E 654 -27.65 -12.91 2.22
N PHE E 655 -27.18 -14.15 2.07
CA PHE E 655 -26.78 -15.03 3.15
C PHE E 655 -25.28 -14.96 3.45
N ASN E 656 -24.53 -14.10 2.76
CA ASN E 656 -23.14 -13.76 3.04
C ASN E 656 -23.10 -12.45 3.85
N ILE E 657 -22.35 -12.48 4.96
CA ILE E 657 -22.33 -11.37 5.94
C ILE E 657 -21.75 -10.09 5.30
N GLU E 658 -20.74 -10.24 4.45
CA GLU E 658 -20.12 -9.10 3.75
C GLU E 658 -21.11 -8.45 2.76
N PHE E 659 -21.81 -9.29 1.98
CA PHE E 659 -22.85 -8.82 1.05
C PHE E 659 -24.04 -8.23 1.81
N ARG E 660 -24.42 -8.86 2.94
CA ARG E 660 -25.50 -8.35 3.78
C ARG E 660 -25.22 -6.92 4.23
N LYS E 661 -24.04 -6.70 4.81
CA LYS E 661 -23.59 -5.36 5.22
C LYS E 661 -23.56 -4.39 4.03
N ALA E 662 -23.10 -4.89 2.89
CA ALA E 662 -23.04 -4.10 1.65
C ALA E 662 -24.43 -3.66 1.18
N PHE E 663 -25.38 -4.58 1.17
CA PHE E 663 -26.76 -4.32 0.72
C PHE E 663 -27.48 -3.37 1.68
N LEU E 664 -27.26 -3.54 2.98
CA LEU E 664 -27.82 -2.62 4.00
C LEU E 664 -27.26 -1.21 3.83
N LYS E 665 -25.97 -1.11 3.48
CA LYS E 665 -25.31 0.18 3.23
C LYS E 665 -25.82 0.85 1.96
N ILE E 666 -26.04 0.06 0.90
CA ILE E 666 -26.53 0.56 -0.39
C ILE E 666 -28.00 1.01 -0.28
N LEU E 667 -28.83 0.24 0.41
CA LEU E 667 -30.26 0.50 0.58
C LEU E 667 -30.56 1.47 1.72
N SER E 668 -29.54 1.87 2.47
CA SER E 668 -29.69 2.87 3.53
C SER E 668 -30.08 4.24 2.98
N CYS E 669 -29.64 4.57 1.77
CA CYS E 669 -29.99 5.80 1.06
C CYS E 669 -31.40 5.75 0.51
C1 A1H9N F . -37.75 -21.57 -19.36
C10 A1H9N F . -36.18 -23.87 -21.72
C11 A1H9N F . -38.44 -23.05 -21.54
C12 A1H9N F . -39.31 -21.95 -22.06
C13 A1H9N F . -39.00 -21.34 -23.40
C14 A1H9N F . -40.21 -22.21 -23.23
C15 A1H9N F . -41.58 -21.57 -23.28
C16 A1H9N F . -41.79 -20.94 -24.63
C17 A1H9N F . -44.01 -20.59 -25.60
C18 A1H9N F . -44.83 -21.76 -25.29
C19 A1H9N F . -46.19 -21.89 -25.16
C2 A1H9N F . -36.61 -21.98 -20.28
C20 A1H9N F . -46.45 -23.26 -24.89
C21 A1H9N F . -47.59 -24.02 -24.64
C22 A1H9N F . -47.43 -25.37 -24.43
C23 A1H9N F . -46.19 -26.00 -24.42
C24 A1H9N F . -45.05 -25.28 -24.66
C25 A1H9N F . -45.19 -23.91 -24.88
C3 A1H9N F . -35.61 -22.82 -19.49
C4 A1H9N F . -34.71 -23.47 -21.59
C5 A1H9N F . -33.72 -24.56 -21.90
C6 A1H9N F . -32.39 -24.41 -21.54
C7 A1H9N F . -31.48 -25.41 -21.81
C8 A1H9N F . -31.93 -26.56 -22.45
C9 A1H9N F . -34.10 -25.73 -22.54
N1 A1H9N F . -31.08 -27.56 -22.75
N2 A1H9N F . -33.23 -26.72 -22.81
N3 A1H9N F . -37.02 -22.69 -21.52
N4 A1H9N F . -43.07 -20.25 -24.72
N5 A1H9N F . -44.23 -22.98 -25.14
O1 A1H9N F . -34.42 -23.03 -20.27
O2 A1H9N F . -44.15 -19.96 -26.65
#